data_5XCV
#
_entry.id   5XCV
#
_cell.length_a   145.617
_cell.length_b   50.122
_cell.length_c   121.868
_cell.angle_alpha   90.00
_cell.angle_beta   110.46
_cell.angle_gamma   90.00
#
_symmetry.space_group_name_H-M   'C 1 2 1'
#
loop_
_entity.id
_entity.type
_entity.pdbx_description
1 polymer 'VH(S112C)-SARAH chimera,VH(S112C)-SARAH chimera'
2 polymer 'VL-SARAH(S37C) chimera,VL-SARAH(S37C) chimera'
3 polymer 'PA14 peptide'
4 non-polymer 'CALCIUM ION'
5 water water
#
loop_
_entity_poly.entity_id
_entity_poly.type
_entity_poly.pdbx_seq_one_letter_code
_entity_poly.pdbx_strand_id
1 'polypeptide(L)'
;GSMKEVQLVESGGGLVQPGRSLKLSCAASGFTFSNYGMAWVRQTPTKGLEWIASISAGGDKTYYGDSVKGRFSISRDNAK
TTHYLQMDSLRSEDTATYYCAKTSRVYFDYWGQGVMVTVCSGSDYEFLKSWTVEDLQKRLLALDPMMEQEIEEIRQKYQS
KRQPILDAIEAK
;
A,D
2 'polypeptide(L)'
;GSHMQFVLTQPNSVSTNLGSTVKLSCKRSTGNIGSNYVNWYQQHEGRSPTTMIYRDDKRPDGVPDRFSGSIDRSSNSALL
TINNVQTEDEADYFCHSYSSGIVFGGGTKLTVLGGSDYEFLKSWTVEDLQKRLLALDPMMEQEIEEIRQKYQCKRQPILD
AIEAK
;
B,E
3 'polypeptide(L)' EGGVAMPGAEDDVV C,F
#
loop_
_chem_comp.id
_chem_comp.type
_chem_comp.name
_chem_comp.formula
CA non-polymer 'CALCIUM ION' 'Ca 2'
#
# COMPACT_ATOMS: atom_id res chain seq x y z
N MET A 3 3.28 44.27 7.70
CA MET A 3 2.60 44.47 6.41
C MET A 3 2.90 43.39 5.35
N LYS A 4 3.73 42.41 5.65
CA LYS A 4 4.09 41.41 4.66
C LYS A 4 3.05 40.28 4.58
N GLU A 5 2.68 39.91 3.36
CA GLU A 5 1.80 38.76 3.13
C GLU A 5 2.60 37.47 3.29
N VAL A 6 2.14 36.57 4.15
CA VAL A 6 2.83 35.30 4.34
C VAL A 6 2.57 34.39 3.13
N GLN A 7 3.64 33.75 2.65
CA GLN A 7 3.49 32.81 1.55
C GLN A 7 4.32 31.56 1.82
N LEU A 8 3.70 30.38 1.66
CA LEU A 8 4.40 29.10 1.76
C LEU A 8 4.34 28.40 0.41
N VAL A 9 5.47 27.87 -0.05
CA VAL A 9 5.57 27.30 -1.40
C VAL A 9 6.18 25.92 -1.30
N GLU A 10 5.37 24.89 -1.58
CA GLU A 10 5.88 23.53 -1.64
C GLU A 10 6.57 23.28 -2.96
N SER A 11 7.61 22.44 -2.94
CA SER A 11 8.16 21.90 -4.16
C SER A 11 8.54 20.44 -3.92
N GLY A 12 8.71 19.71 -5.02
CA GLY A 12 8.98 18.29 -4.98
C GLY A 12 7.73 17.46 -5.27
N GLY A 13 7.79 16.20 -4.90
CA GLY A 13 6.63 15.35 -5.07
C GLY A 13 6.51 14.80 -6.47
N GLY A 14 5.28 14.46 -6.85
CA GLY A 14 5.03 13.78 -8.11
C GLY A 14 4.89 12.28 -7.95
N LEU A 15 5.40 11.54 -8.92
CA LEU A 15 5.22 10.10 -9.00
C LEU A 15 6.41 9.39 -8.36
N VAL A 16 6.14 8.24 -7.72
CA VAL A 16 7.17 7.49 -7.04
C VAL A 16 6.71 6.05 -6.87
N GLN A 17 7.68 5.10 -6.84
CA GLN A 17 7.39 3.70 -6.58
C GLN A 17 7.31 3.42 -5.07
N PRO A 18 6.57 2.38 -4.67
CA PRO A 18 6.53 2.01 -3.25
C PRO A 18 7.89 1.50 -2.79
N GLY A 19 8.13 1.63 -1.48
CA GLY A 19 9.43 1.32 -0.91
C GLY A 19 10.51 2.37 -1.15
N ARG A 20 10.36 3.24 -2.15
CA ARG A 20 11.35 4.25 -2.49
C ARG A 20 11.02 5.58 -1.80
N SER A 21 11.76 6.64 -2.16
CA SER A 21 11.81 7.84 -1.34
C SER A 21 11.51 9.11 -2.14
N LEU A 22 11.12 10.14 -1.40
CA LEU A 22 10.80 11.45 -1.95
C LEU A 22 11.02 12.48 -0.86
N LYS A 23 11.50 13.67 -1.26
CA LYS A 23 11.72 14.75 -0.31
C LYS A 23 10.90 15.97 -0.71
N LEU A 24 10.00 16.39 0.16
CA LEU A 24 9.25 17.62 -0.11
C LEU A 24 9.96 18.81 0.52
N SER A 25 9.82 19.98 -0.12
CA SER A 25 10.34 21.26 0.33
C SER A 25 9.21 22.26 0.50
N CYS A 26 9.37 23.17 1.46
CA CYS A 26 8.50 24.33 1.63
C CYS A 26 9.36 25.56 1.88
N ALA A 27 9.32 26.53 0.95
CA ALA A 27 9.97 27.82 1.16
C ALA A 27 8.97 28.79 1.77
N ALA A 28 9.34 29.41 2.89
CA ALA A 28 8.47 30.31 3.65
C ALA A 28 8.95 31.76 3.56
N SER A 29 8.01 32.68 3.40
CA SER A 29 8.32 34.10 3.28
C SER A 29 7.30 34.89 4.07
N GLY A 30 7.71 36.06 4.55
CA GLY A 30 6.78 36.99 5.13
C GLY A 30 6.78 37.04 6.64
N PHE A 31 7.65 36.30 7.31
CA PHE A 31 7.70 36.27 8.76
C PHE A 31 9.09 35.83 9.17
N THR A 32 9.40 36.00 10.45
CA THR A 32 10.68 35.53 10.99
C THR A 32 10.62 34.02 11.12
N PHE A 33 11.26 33.32 10.17
CA PHE A 33 11.07 31.88 9.99
C PHE A 33 11.30 31.10 11.27
N SER A 34 12.41 31.38 11.96
CA SER A 34 12.78 30.58 13.12
C SER A 34 11.97 30.94 14.36
N ASN A 35 11.00 31.84 14.26
CA ASN A 35 10.14 32.11 15.38
C ASN A 35 8.90 31.24 15.42
N TYR A 36 8.75 30.25 14.51
CA TYR A 36 7.49 29.50 14.40
C TYR A 36 7.70 28.06 13.95
N GLY A 37 6.93 27.16 14.55
CA GLY A 37 6.94 25.79 14.08
C GLY A 37 6.41 25.68 12.66
N MET A 38 6.81 24.58 12.00
CA MET A 38 6.30 24.23 10.68
C MET A 38 5.71 22.82 10.72
N ALA A 39 4.81 22.53 9.78
CA ALA A 39 4.11 21.24 9.81
C ALA A 39 3.81 20.79 8.38
N TRP A 40 3.45 19.50 8.26
CA TRP A 40 2.94 18.90 7.02
C TRP A 40 1.62 18.23 7.32
N VAL A 41 0.62 18.52 6.49
CA VAL A 41 -0.71 17.95 6.59
C VAL A 41 -1.05 17.46 5.19
N ARG A 42 -1.64 16.27 5.08
CA ARG A 42 -1.99 15.73 3.78
C ARG A 42 -3.51 15.57 3.67
N GLN A 43 -4.00 15.47 2.45
CA GLN A 43 -5.43 15.46 2.21
C GLN A 43 -5.75 14.49 1.08
N THR A 44 -6.87 13.78 1.22
CA THR A 44 -7.51 13.09 0.11
C THR A 44 -9.00 13.42 0.10
N PRO A 45 -9.68 13.23 -1.05
CA PRO A 45 -11.10 13.60 -1.12
C PRO A 45 -11.99 12.87 -0.13
N THR A 46 -11.71 11.60 0.14
CA THR A 46 -12.57 10.83 1.03
C THR A 46 -12.12 10.90 2.49
N LYS A 47 -10.80 10.89 2.75
CA LYS A 47 -10.27 10.84 4.11
C LYS A 47 -10.04 12.21 4.76
N GLY A 48 -10.23 13.32 4.04
CA GLY A 48 -10.08 14.63 4.66
C GLY A 48 -8.62 14.99 4.92
N LEU A 49 -8.43 15.90 5.88
CA LEU A 49 -7.10 16.33 6.31
C LEU A 49 -6.56 15.42 7.40
N GLU A 50 -5.29 15.05 7.29
CA GLU A 50 -4.58 14.28 8.31
C GLU A 50 -3.24 14.96 8.59
N TRP A 51 -2.97 15.25 9.86
CA TRP A 51 -1.69 15.82 10.24
C TRP A 51 -0.59 14.77 10.17
N ILE A 52 0.52 15.13 9.54
CA ILE A 52 1.59 14.20 9.21
C ILE A 52 2.81 14.40 10.10
N ALA A 53 3.31 15.64 10.20
CA ALA A 53 4.52 15.87 10.96
C ALA A 53 4.60 17.35 11.34
N SER A 54 5.25 17.62 12.48
CA SER A 54 5.51 18.97 12.94
C SER A 54 6.95 19.05 13.45
N ILE A 55 7.58 20.22 13.29
CA ILE A 55 8.91 20.49 13.83
C ILE A 55 8.90 21.88 14.50
N SER A 56 9.42 21.92 15.73
CA SER A 56 9.36 23.11 16.57
C SER A 56 10.15 24.27 15.96
N ALA A 57 10.00 25.44 16.60
CA ALA A 57 10.61 26.66 16.08
C ALA A 57 12.13 26.54 16.00
N GLY A 58 12.76 26.15 17.10
CA GLY A 58 14.21 25.98 17.07
C GLY A 58 14.68 24.74 16.34
N GLY A 59 13.76 23.88 15.91
CA GLY A 59 14.13 22.71 15.14
C GLY A 59 14.71 21.57 15.94
N ASP A 60 14.54 21.57 17.25
CA ASP A 60 15.11 20.54 18.11
C ASP A 60 14.09 19.46 18.50
N LYS A 61 12.83 19.63 18.15
CA LYS A 61 11.77 18.71 18.53
C LYS A 61 10.91 18.41 17.31
N THR A 62 10.69 17.13 17.05
CA THR A 62 9.87 16.72 15.93
C THR A 62 8.76 15.81 16.42
N TYR A 63 7.62 15.89 15.73
CA TYR A 63 6.42 15.13 16.06
C TYR A 63 5.86 14.52 14.78
N TYR A 64 5.26 13.33 14.90
CA TYR A 64 4.77 12.58 13.75
C TYR A 64 3.41 11.95 14.05
N GLY A 65 2.54 11.95 13.02
CA GLY A 65 1.30 11.22 13.12
C GLY A 65 1.52 9.71 13.07
N ASP A 66 0.59 8.98 13.68
CA ASP A 66 0.67 7.52 13.73
C ASP A 66 0.99 6.91 12.37
N SER A 67 0.33 7.40 11.31
CA SER A 67 0.49 6.84 9.97
C SER A 67 1.95 6.73 9.56
N VAL A 68 2.78 7.70 9.96
CA VAL A 68 4.08 7.88 9.33
C VAL A 68 5.21 7.76 10.33
N LYS A 69 4.93 7.31 11.56
CA LYS A 69 5.98 7.20 12.57
C LYS A 69 7.04 6.23 12.09
N GLY A 70 8.29 6.69 12.10
CA GLY A 70 9.41 5.89 11.70
C GLY A 70 9.66 5.82 10.20
N ARG A 71 8.76 6.36 9.37
CA ARG A 71 8.95 6.39 7.92
C ARG A 71 9.24 7.78 7.38
N PHE A 72 8.63 8.83 7.94
CA PHE A 72 8.86 10.19 7.49
C PHE A 72 9.69 10.94 8.52
N SER A 73 10.53 11.86 8.05
CA SER A 73 11.38 12.67 8.92
C SER A 73 11.29 14.12 8.49
N ILE A 74 11.02 15.01 9.45
CA ILE A 74 10.84 16.43 9.17
C ILE A 74 12.05 17.18 9.70
N SER A 75 12.47 18.21 8.96
CA SER A 75 13.62 19.01 9.34
C SER A 75 13.46 20.40 8.73
N ARG A 76 14.35 21.31 9.13
CA ARG A 76 14.29 22.68 8.68
C ARG A 76 15.70 23.27 8.64
N ASP A 77 15.92 24.15 7.66
CA ASP A 77 17.16 24.90 7.56
C ASP A 77 16.77 26.35 7.77
N ASN A 78 17.04 26.86 8.97
CA ASN A 78 16.57 28.21 9.28
C ASN A 78 17.27 29.26 8.43
N ALA A 79 18.57 29.12 8.22
CA ALA A 79 19.31 30.09 7.41
C ALA A 79 18.87 30.05 5.94
N LYS A 80 17.88 29.21 5.62
CA LYS A 80 17.33 29.07 4.28
C LYS A 80 15.81 29.26 4.24
N THR A 81 15.19 29.54 5.39
CA THR A 81 13.73 29.69 5.50
C THR A 81 12.97 28.58 4.77
N THR A 82 13.45 27.35 4.92
CA THR A 82 12.83 26.19 4.26
C THR A 82 12.76 25.02 5.23
N HIS A 83 11.69 24.24 5.15
CA HIS A 83 11.63 22.96 5.87
C HIS A 83 11.29 21.84 4.90
N TYR A 84 11.61 20.62 5.32
CA TYR A 84 11.60 19.45 4.45
C TYR A 84 10.83 18.32 5.10
N LEU A 85 10.24 17.47 4.26
CA LEU A 85 9.65 16.21 4.70
C LEU A 85 10.35 15.12 3.88
N GLN A 86 11.25 14.40 4.52
CA GLN A 86 11.85 13.23 3.88
C GLN A 86 10.89 12.06 4.04
N MET A 87 10.47 11.45 2.92
CA MET A 87 9.49 10.37 2.93
C MET A 87 10.16 9.09 2.44
N ASP A 88 10.31 8.11 3.33
CA ASP A 88 10.86 6.80 2.98
C ASP A 88 9.78 5.73 3.11
N SER A 89 10.07 4.56 2.55
CA SER A 89 9.19 3.39 2.66
C SER A 89 7.77 3.74 2.26
N LEU A 90 7.65 4.41 1.12
CA LEU A 90 6.36 4.92 0.70
C LEU A 90 5.41 3.77 0.40
N ARG A 91 4.13 4.00 0.70
CA ARG A 91 3.06 3.05 0.48
C ARG A 91 2.02 3.67 -0.44
N SER A 92 1.28 2.79 -1.13
CA SER A 92 0.17 3.21 -1.97
C SER A 92 -0.75 4.21 -1.26
N GLU A 93 -1.06 3.97 0.02
CA GLU A 93 -1.99 4.80 0.77
C GLU A 93 -1.38 6.15 1.19
N ASP A 94 -0.11 6.40 0.88
CA ASP A 94 0.49 7.72 1.02
C ASP A 94 0.14 8.65 -0.12
N THR A 95 -0.58 8.17 -1.13
CA THR A 95 -1.05 9.04 -2.20
C THR A 95 -1.96 10.12 -1.63
N ALA A 96 -1.58 11.39 -1.81
CA ALA A 96 -2.34 12.49 -1.23
C ALA A 96 -1.75 13.80 -1.73
N THR A 97 -2.54 14.87 -1.59
CA THR A 97 -2.01 16.23 -1.67
C THR A 97 -1.39 16.58 -0.32
N TYR A 98 -0.11 16.94 -0.32
CA TYR A 98 0.61 17.29 0.90
C TYR A 98 0.75 18.80 0.98
N TYR A 99 0.28 19.38 2.10
CA TYR A 99 0.36 20.82 2.36
C TYR A 99 1.42 21.11 3.41
N CYS A 100 2.20 22.18 3.21
CA CYS A 100 2.97 22.67 4.34
C CYS A 100 2.16 23.74 5.07
N ALA A 101 2.51 23.94 6.34
CA ALA A 101 1.75 24.84 7.18
C ALA A 101 2.67 25.47 8.23
N LYS A 102 2.35 26.71 8.58
CA LYS A 102 3.00 27.43 9.67
C LYS A 102 2.14 27.39 10.93
N THR A 103 2.78 27.35 12.10
CA THR A 103 1.98 27.38 13.32
C THR A 103 2.04 28.74 13.97
N SER A 104 1.03 29.02 14.78
CA SER A 104 1.02 30.19 15.65
C SER A 104 0.46 29.71 17.00
N ARG A 105 1.28 28.96 17.74
CA ARG A 105 1.04 28.52 19.11
C ARG A 105 -0.02 27.43 19.24
N VAL A 106 -1.23 27.69 18.76
CA VAL A 106 -2.36 26.82 19.05
C VAL A 106 -3.14 26.43 17.80
N TYR A 107 -2.61 26.75 16.62
CA TYR A 107 -3.32 26.45 15.37
C TYR A 107 -2.38 26.64 14.19
N PHE A 108 -2.86 26.25 13.01
CA PHE A 108 -2.17 26.50 11.75
C PHE A 108 -2.69 27.80 11.16
N ASP A 109 -1.83 28.84 11.11
CA ASP A 109 -2.34 30.12 10.62
C ASP A 109 -2.21 30.28 9.09
N TYR A 110 -1.19 29.71 8.45
CA TYR A 110 -1.08 29.85 7.00
C TYR A 110 -0.70 28.50 6.39
N TRP A 111 -1.18 28.27 5.16
CA TRP A 111 -1.03 26.97 4.49
C TRP A 111 -0.39 27.17 3.12
N GLY A 112 0.30 26.14 2.67
CA GLY A 112 0.88 26.17 1.35
C GLY A 112 -0.17 25.95 0.26
N GLN A 113 0.33 25.76 -0.97
CA GLN A 113 -0.52 25.50 -2.12
C GLN A 113 -0.92 24.05 -2.26
N GLY A 114 -0.17 23.13 -1.64
CA GLY A 114 -0.41 21.69 -1.78
C GLY A 114 0.31 21.10 -2.97
N VAL A 115 1.03 20.00 -2.79
CA VAL A 115 1.68 19.31 -3.89
C VAL A 115 1.20 17.85 -3.89
N MET A 116 0.92 17.33 -5.07
CA MET A 116 0.39 15.98 -5.21
C MET A 116 1.54 14.98 -5.18
N VAL A 117 1.41 13.95 -4.35
CA VAL A 117 2.30 12.81 -4.36
C VAL A 117 1.49 11.57 -4.77
N THR A 118 1.93 10.91 -5.85
CA THR A 118 1.30 9.71 -6.37
C THR A 118 2.24 8.54 -6.14
N VAL A 119 1.84 7.59 -5.31
CA VAL A 119 2.59 6.36 -5.10
C VAL A 119 1.94 5.26 -5.93
N CYS A 120 2.73 4.60 -6.77
CA CYS A 120 2.20 3.52 -7.58
C CYS A 120 1.86 2.31 -6.72
N SER A 121 0.93 1.50 -7.21
CA SER A 121 0.70 0.21 -6.57
C SER A 121 1.98 -0.61 -6.67
N GLY A 122 2.20 -1.46 -5.68
CA GLY A 122 3.33 -2.35 -5.78
C GLY A 122 2.99 -3.61 -6.56
N SER A 123 1.89 -3.57 -7.29
CA SER A 123 1.31 -4.74 -7.93
C SER A 123 2.32 -5.47 -8.80
N ASP A 124 2.21 -6.80 -8.82
CA ASP A 124 3.14 -7.61 -9.58
C ASP A 124 2.84 -7.51 -11.07
N TYR A 125 3.87 -7.32 -11.89
CA TYR A 125 3.72 -7.29 -13.34
C TYR A 125 4.60 -8.33 -14.04
N GLU A 126 5.03 -9.35 -13.29
CA GLU A 126 5.76 -10.47 -13.89
C GLU A 126 4.93 -11.18 -14.96
N PHE A 127 3.61 -11.22 -14.81
CA PHE A 127 2.76 -11.95 -15.76
C PHE A 127 2.95 -11.46 -17.19
N LEU A 128 3.45 -10.22 -17.36
CA LEU A 128 3.58 -9.61 -18.68
C LEU A 128 4.63 -10.29 -19.54
N LYS A 129 5.56 -11.03 -18.93
CA LYS A 129 6.66 -11.59 -19.69
C LYS A 129 6.25 -12.70 -20.64
N SER A 130 5.14 -13.38 -20.41
CA SER A 130 4.71 -14.37 -21.38
C SER A 130 4.03 -13.75 -22.61
N TRP A 131 3.87 -12.44 -22.63
CA TRP A 131 3.14 -11.75 -23.69
C TRP A 131 4.08 -11.38 -24.82
N THR A 132 3.51 -11.24 -26.01
CA THR A 132 4.24 -10.67 -27.14
C THR A 132 4.10 -9.15 -27.15
N VAL A 133 5.02 -8.51 -27.89
CA VAL A 133 4.94 -7.07 -28.12
C VAL A 133 3.55 -6.70 -28.61
N GLU A 134 3.00 -7.48 -29.53
CA GLU A 134 1.65 -7.20 -30.00
C GLU A 134 0.61 -7.28 -28.88
N ASP A 135 0.71 -8.31 -28.01
CA ASP A 135 -0.23 -8.37 -26.88
C ASP A 135 -0.04 -7.20 -25.95
N LEU A 136 1.21 -6.81 -25.70
CA LEU A 136 1.50 -5.68 -24.82
C LEU A 136 0.97 -4.38 -25.40
N GLN A 137 1.05 -4.20 -26.72
CA GLN A 137 0.53 -2.98 -27.33
C GLN A 137 -0.99 -2.92 -27.25
N LYS A 138 -1.67 -4.07 -27.35
CA LYS A 138 -3.13 -4.09 -27.23
C LYS A 138 -3.59 -3.70 -25.84
N ARG A 139 -2.76 -3.95 -24.83
CA ARG A 139 -3.14 -3.52 -23.48
C ARG A 139 -3.03 -2.00 -23.35
N LEU A 140 -1.99 -1.41 -23.94
CA LEU A 140 -1.92 0.05 -24.01
C LEU A 140 -3.13 0.64 -24.71
N LEU A 141 -3.53 0.05 -25.84
CA LEU A 141 -4.71 0.52 -26.55
C LEU A 141 -5.99 0.35 -25.74
N ALA A 142 -6.00 -0.51 -24.73
CA ALA A 142 -7.16 -0.60 -23.85
C ALA A 142 -7.06 0.38 -22.68
N LEU A 143 -5.85 0.65 -22.21
CA LEU A 143 -5.65 1.46 -21.02
C LEU A 143 -5.92 2.94 -21.27
N ASP A 144 -5.55 3.44 -22.45
CA ASP A 144 -5.68 4.85 -22.77
C ASP A 144 -7.12 5.33 -22.90
N PRO A 145 -8.03 4.61 -23.58
CA PRO A 145 -9.44 5.00 -23.54
C PRO A 145 -9.99 5.17 -22.13
N MET A 146 -9.46 4.45 -21.15
CA MET A 146 -10.00 4.61 -19.81
C MET A 146 -9.42 5.86 -19.14
N MET A 147 -8.16 6.18 -19.42
CA MET A 147 -7.63 7.46 -19.00
C MET A 147 -8.38 8.61 -19.65
N GLU A 148 -8.63 8.49 -20.96
CA GLU A 148 -9.32 9.56 -21.68
C GLU A 148 -10.71 9.78 -21.13
N GLN A 149 -11.39 8.72 -20.75
CA GLN A 149 -12.70 8.91 -20.15
C GLN A 149 -12.62 9.70 -18.84
N GLU A 150 -11.62 9.39 -18.00
CA GLU A 150 -11.48 10.12 -16.75
C GLU A 150 -11.21 11.60 -17.00
N ILE A 151 -10.33 11.89 -17.96
CA ILE A 151 -10.00 13.27 -18.29
C ILE A 151 -11.22 13.98 -18.86
N GLU A 152 -11.99 13.28 -19.70
CA GLU A 152 -13.17 13.90 -20.29
C GLU A 152 -14.23 14.23 -19.24
N GLU A 153 -14.40 13.38 -18.22
CA GLU A 153 -15.37 13.70 -17.18
C GLU A 153 -14.92 14.89 -16.33
N ILE A 154 -13.61 15.09 -16.18
CA ILE A 154 -13.13 16.31 -15.51
C ILE A 154 -13.46 17.53 -16.36
N ARG A 155 -13.20 17.45 -17.67
CA ARG A 155 -13.49 18.59 -18.55
C ARG A 155 -14.97 18.93 -18.52
N GLN A 156 -15.83 17.90 -18.43
CA GLN A 156 -17.26 18.16 -18.35
C GLN A 156 -17.66 18.77 -17.01
N LYS A 157 -17.06 18.28 -15.93
CA LYS A 157 -17.34 18.86 -14.61
C LYS A 157 -17.03 20.37 -14.61
N TYR A 158 -15.90 20.77 -15.19
CA TYR A 158 -15.52 22.18 -15.15
C TYR A 158 -16.26 23.00 -16.18
N GLN A 159 -16.72 22.37 -17.26
CA GLN A 159 -17.40 23.13 -18.29
C GLN A 159 -18.81 23.50 -17.85
N SER A 160 -19.43 22.74 -16.94
CA SER A 160 -20.64 23.24 -16.32
C SER A 160 -20.33 24.29 -15.23
N LYS A 161 -19.13 24.27 -14.67
CA LYS A 161 -18.74 25.36 -13.78
C LYS A 161 -18.46 26.63 -14.56
N ARG A 162 -17.88 26.51 -15.75
CA ARG A 162 -17.58 27.71 -16.55
C ARG A 162 -18.85 28.37 -17.05
N GLN A 163 -19.87 27.56 -17.44
CA GLN A 163 -20.97 28.07 -18.24
C GLN A 163 -21.69 29.27 -17.62
N PRO A 164 -22.15 29.24 -16.35
CA PRO A 164 -22.84 30.42 -15.82
C PRO A 164 -21.98 31.67 -15.75
N ILE A 165 -20.68 31.53 -15.44
CA ILE A 165 -19.79 32.68 -15.46
C ILE A 165 -19.70 33.26 -16.87
N LEU A 166 -19.60 32.38 -17.87
CA LEU A 166 -19.45 32.79 -19.27
C LEU A 166 -20.67 33.56 -19.79
N ASP A 167 -21.88 33.19 -19.34
CA ASP A 167 -23.07 33.91 -19.79
C ASP A 167 -23.35 35.14 -18.94
N ALA A 168 -23.03 35.10 -17.64
CA ALA A 168 -23.06 36.32 -16.84
C ALA A 168 -22.21 37.40 -17.49
N ILE A 169 -21.07 37.00 -18.06
CA ILE A 169 -20.23 37.93 -18.83
C ILE A 169 -20.94 38.39 -20.09
N GLU A 170 -21.67 37.49 -20.76
CA GLU A 170 -22.46 37.87 -21.92
C GLU A 170 -23.54 38.86 -21.52
N ALA A 171 -23.60 39.99 -22.23
CA ALA A 171 -24.38 41.17 -21.82
C ALA A 171 -23.94 41.64 -20.43
N GLN B 5 -6.12 8.80 21.63
CA GLN B 5 -6.29 10.12 21.04
C GLN B 5 -7.73 10.28 20.57
N PHE B 6 -8.33 11.43 20.89
CA PHE B 6 -9.73 11.66 20.56
C PHE B 6 -9.91 11.86 19.06
N VAL B 7 -11.17 11.89 18.67
CA VAL B 7 -11.65 12.07 17.31
C VAL B 7 -12.59 13.27 17.34
N LEU B 8 -12.63 14.02 16.23
CA LEU B 8 -13.56 15.12 16.03
C LEU B 8 -14.54 14.73 14.94
N THR B 9 -15.84 14.71 15.25
CA THR B 9 -16.88 14.20 14.36
C THR B 9 -17.70 15.35 13.81
N GLN B 10 -17.72 15.50 12.49
CA GLN B 10 -18.55 16.49 11.82
C GLN B 10 -19.53 15.80 10.87
N PRO B 11 -20.72 16.35 10.68
CA PRO B 11 -21.63 15.81 9.66
C PRO B 11 -20.98 15.92 8.30
N ASN B 12 -21.26 14.93 7.44
CA ASN B 12 -20.62 14.90 6.12
C ASN B 12 -21.07 16.07 5.28
N SER B 13 -22.36 16.38 5.32
CA SER B 13 -22.99 17.34 4.44
C SER B 13 -24.02 18.13 5.23
N VAL B 14 -24.12 19.42 4.93
CA VAL B 14 -25.17 20.27 5.48
C VAL B 14 -25.66 21.19 4.37
N SER B 15 -26.99 21.34 4.29
CA SER B 15 -27.62 22.25 3.36
C SER B 15 -28.43 23.28 4.13
N THR B 16 -28.43 24.53 3.65
CA THR B 16 -29.30 25.57 4.16
C THR B 16 -29.71 26.47 3.02
N ASN B 17 -30.73 27.28 3.27
CA ASN B 17 -31.17 28.27 2.30
C ASN B 17 -30.41 29.58 2.50
N LEU B 18 -30.35 30.35 1.42
CA LEU B 18 -29.66 31.63 1.45
C LEU B 18 -30.31 32.58 2.45
N GLY B 19 -29.48 33.42 3.08
CA GLY B 19 -29.94 34.33 4.10
C GLY B 19 -30.21 33.73 5.46
N SER B 20 -30.23 32.40 5.57
CA SER B 20 -30.53 31.76 6.84
C SER B 20 -29.28 31.67 7.70
N THR B 21 -29.41 30.99 8.84
CA THR B 21 -28.34 30.78 9.78
C THR B 21 -28.07 29.28 9.89
N VAL B 22 -26.82 28.88 9.72
CA VAL B 22 -26.43 27.47 9.74
C VAL B 22 -25.41 27.26 10.85
N LYS B 23 -25.59 26.17 11.60
CA LYS B 23 -24.71 25.84 12.72
C LYS B 23 -24.00 24.53 12.39
N LEU B 24 -22.71 24.63 12.06
CA LEU B 24 -21.90 23.47 11.79
C LEU B 24 -21.30 22.96 13.10
N SER B 25 -21.48 21.67 13.38
CA SER B 25 -21.12 21.08 14.65
C SER B 25 -19.85 20.24 14.54
N CYS B 26 -19.13 20.16 15.65
CA CYS B 26 -17.84 19.46 15.72
C CYS B 26 -17.76 18.83 17.10
N LYS B 27 -18.08 17.55 17.21
CA LYS B 27 -18.18 16.87 18.48
C LYS B 27 -16.89 16.14 18.78
N ARG B 28 -16.39 16.27 20.00
CA ARG B 28 -15.19 15.56 20.40
C ARG B 28 -15.59 14.26 21.10
N SER B 29 -14.89 13.17 20.76
CA SER B 29 -15.35 11.85 21.17
C SER B 29 -15.00 11.53 22.61
N THR B 30 -13.79 11.87 23.05
CA THR B 30 -13.36 11.59 24.42
C THR B 30 -12.63 12.82 24.97
N GLY B 31 -12.81 13.04 26.28
CA GLY B 31 -12.31 14.24 26.91
C GLY B 31 -13.16 15.44 26.57
N ASN B 32 -12.81 16.55 27.19
CA ASN B 32 -13.64 17.74 27.19
C ASN B 32 -13.33 18.62 25.98
N ILE B 33 -14.37 19.05 25.26
CA ILE B 33 -14.17 19.97 24.14
C ILE B 33 -13.49 21.26 24.62
N GLY B 34 -13.77 21.70 25.85
CA GLY B 34 -13.17 22.90 26.40
C GLY B 34 -11.76 22.76 26.93
N SER B 35 -11.19 21.55 26.85
CA SER B 35 -9.82 21.33 27.34
C SER B 35 -8.77 22.00 26.44
N ASN B 36 -8.97 21.98 25.12
CA ASN B 36 -8.00 22.52 24.18
C ASN B 36 -8.72 23.43 23.21
N TYR B 37 -7.95 24.37 22.64
CA TYR B 37 -8.49 25.32 21.68
C TYR B 37 -9.09 24.61 20.46
N VAL B 38 -10.20 25.12 19.94
CA VAL B 38 -10.78 24.61 18.70
C VAL B 38 -10.67 25.69 17.61
N ASN B 39 -10.22 25.28 16.44
CA ASN B 39 -10.05 26.15 15.30
C ASN B 39 -10.84 25.61 14.12
N TRP B 40 -11.24 26.50 13.19
CA TRP B 40 -12.03 26.10 12.03
C TRP B 40 -11.35 26.58 10.75
N TYR B 41 -11.28 25.70 9.75
CA TYR B 41 -10.70 26.06 8.47
C TYR B 41 -11.72 25.91 7.36
N GLN B 42 -11.67 26.84 6.41
CA GLN B 42 -12.48 26.79 5.23
C GLN B 42 -11.64 26.34 4.05
N GLN B 43 -12.16 25.43 3.23
CA GLN B 43 -11.46 25.03 2.03
C GLN B 43 -12.45 25.02 0.87
N HIS B 44 -12.26 25.93 -0.07
CA HIS B 44 -13.04 25.95 -1.30
C HIS B 44 -12.52 24.90 -2.26
N GLU B 45 -13.39 24.52 -3.20
CA GLU B 45 -13.03 23.47 -4.16
C GLU B 45 -11.76 23.84 -4.92
N GLY B 46 -10.76 22.97 -4.85
CA GLY B 46 -9.50 23.15 -5.53
C GLY B 46 -8.54 24.11 -4.87
N ARG B 47 -8.78 24.51 -3.62
CA ARG B 47 -7.97 25.52 -2.97
C ARG B 47 -7.42 25.02 -1.65
N SER B 48 -6.47 25.79 -1.10
CA SER B 48 -5.91 25.52 0.21
C SER B 48 -6.89 25.92 1.30
N PRO B 49 -6.84 25.26 2.45
CA PRO B 49 -7.62 25.73 3.59
C PRO B 49 -7.12 27.08 4.08
N THR B 50 -8.04 27.91 4.58
CA THR B 50 -7.70 29.15 5.24
C THR B 50 -8.42 29.21 6.58
N THR B 51 -7.83 29.94 7.52
CA THR B 51 -8.38 30.02 8.88
C THR B 51 -9.65 30.87 8.90
N MET B 52 -10.75 30.31 9.40
CA MET B 52 -11.96 31.08 9.68
C MET B 52 -12.04 31.52 11.14
N ILE B 53 -11.66 30.63 12.07
CA ILE B 53 -11.75 30.85 13.51
C ILE B 53 -10.51 30.24 14.15
N TYR B 54 -9.86 30.99 15.03
CA TYR B 54 -8.79 30.44 15.85
C TYR B 54 -9.11 30.74 17.31
N ARG B 55 -8.50 29.96 18.20
CA ARG B 55 -8.73 30.07 19.65
C ARG B 55 -10.22 30.12 19.97
N ASP B 56 -10.95 29.10 19.51
CA ASP B 56 -12.35 28.84 19.81
C ASP B 56 -13.28 29.84 19.13
N ASP B 57 -12.91 31.15 19.10
CA ASP B 57 -13.87 32.15 18.66
C ASP B 57 -13.26 33.43 18.10
N LYS B 58 -12.00 33.45 17.69
CA LYS B 58 -11.38 34.65 17.15
C LYS B 58 -11.34 34.59 15.62
N ARG B 59 -11.75 35.69 14.97
CA ARG B 59 -11.75 35.82 13.53
C ARG B 59 -10.45 36.46 13.05
N PRO B 60 -9.70 35.83 12.15
CA PRO B 60 -8.61 36.56 11.49
C PRO B 60 -9.19 37.74 10.73
N ASP B 61 -8.38 38.80 10.64
CA ASP B 61 -8.78 39.94 9.83
C ASP B 61 -9.05 39.49 8.40
N GLY B 62 -10.06 40.10 7.78
CA GLY B 62 -10.52 39.65 6.48
C GLY B 62 -11.57 38.56 6.49
N VAL B 63 -11.86 37.96 7.65
CA VAL B 63 -12.95 36.99 7.77
C VAL B 63 -14.20 37.75 8.23
N PRO B 64 -15.30 37.66 7.49
CA PRO B 64 -16.44 38.56 7.77
C PRO B 64 -17.16 38.21 9.05
N ASP B 65 -17.78 39.25 9.63
CA ASP B 65 -18.41 39.16 10.95
C ASP B 65 -19.41 38.01 11.07
N ARG B 66 -20.04 37.62 9.96
CA ARG B 66 -21.09 36.60 10.03
C ARG B 66 -20.55 35.22 10.35
N PHE B 67 -19.24 35.00 10.28
CA PHE B 67 -18.64 33.79 10.83
C PHE B 67 -18.38 33.99 12.32
N SER B 68 -18.83 33.04 13.14
CA SER B 68 -18.50 33.07 14.56
C SER B 68 -18.43 31.65 15.11
N GLY B 69 -17.38 31.39 15.89
CA GLY B 69 -17.22 30.12 16.56
C GLY B 69 -17.63 30.20 18.03
N SER B 70 -17.89 29.05 18.61
CA SER B 70 -18.21 28.92 20.02
C SER B 70 -17.95 27.48 20.46
N ILE B 71 -18.04 27.26 21.77
CA ILE B 71 -17.87 25.94 22.37
C ILE B 71 -19.15 25.65 23.14
N ASP B 72 -19.81 24.54 22.78
CA ASP B 72 -21.01 24.08 23.48
C ASP B 72 -20.63 22.86 24.32
N ARG B 73 -20.32 23.09 25.60
CA ARG B 73 -19.84 21.99 26.44
C ARG B 73 -20.93 20.97 26.74
N SER B 74 -22.20 21.38 26.67
CA SER B 74 -23.29 20.47 27.00
C SER B 74 -23.35 19.28 26.04
N SER B 75 -23.04 19.51 24.77
CA SER B 75 -22.94 18.45 23.77
C SER B 75 -21.49 18.12 23.42
N ASN B 76 -20.53 18.57 24.25
CA ASN B 76 -19.09 18.36 24.04
C ASN B 76 -18.66 18.72 22.62
N SER B 77 -19.17 19.83 22.08
CA SER B 77 -18.97 20.14 20.69
C SER B 77 -18.58 21.60 20.50
N ALA B 78 -17.95 21.87 19.37
CA ALA B 78 -17.73 23.24 18.91
C ALA B 78 -18.68 23.52 17.76
N LEU B 79 -19.03 24.80 17.61
CA LEU B 79 -20.01 25.25 16.63
C LEU B 79 -19.42 26.38 15.79
N LEU B 80 -19.43 26.21 14.47
CA LEU B 80 -19.17 27.30 13.53
C LEU B 80 -20.52 27.80 13.02
N THR B 81 -20.95 28.96 13.50
CA THR B 81 -22.21 29.56 13.08
C THR B 81 -21.94 30.55 11.94
N ILE B 82 -22.80 30.49 10.93
CA ILE B 82 -22.75 31.40 9.79
C ILE B 82 -24.12 32.07 9.68
N ASN B 83 -24.16 33.38 9.93
CA ASN B 83 -25.38 34.15 9.82
C ASN B 83 -25.52 34.70 8.41
N ASN B 84 -26.76 34.81 7.94
CA ASN B 84 -27.08 35.36 6.62
C ASN B 84 -26.16 34.74 5.55
N VAL B 85 -26.37 33.42 5.35
CA VAL B 85 -25.49 32.67 4.48
C VAL B 85 -25.59 33.17 3.05
N GLN B 86 -24.44 33.33 2.41
CA GLN B 86 -24.33 33.68 1.00
C GLN B 86 -23.91 32.45 0.20
N THR B 87 -24.04 32.52 -1.13
CA THR B 87 -23.58 31.41 -1.95
C THR B 87 -22.06 31.27 -1.92
N GLU B 88 -21.35 32.38 -1.71
CA GLU B 88 -19.89 32.33 -1.64
C GLU B 88 -19.39 31.48 -0.47
N ASP B 89 -20.26 31.16 0.49
CA ASP B 89 -19.86 30.38 1.65
C ASP B 89 -19.86 28.87 1.40
N GLU B 90 -20.39 28.42 0.27
CA GLU B 90 -20.38 27.00 -0.08
C GLU B 90 -18.95 26.49 -0.20
N ALA B 91 -18.56 25.59 0.70
CA ALA B 91 -17.18 25.12 0.82
C ALA B 91 -17.18 23.91 1.76
N ASP B 92 -15.99 23.32 1.94
CA ASP B 92 -15.76 22.35 3.01
C ASP B 92 -15.20 23.05 4.24
N TYR B 93 -15.71 22.70 5.42
CA TYR B 93 -15.27 23.31 6.68
C TYR B 93 -14.75 22.22 7.62
N PHE B 94 -13.52 22.39 8.09
CA PHE B 94 -12.89 21.44 9.01
C PHE B 94 -12.68 22.10 10.36
N CYS B 95 -13.14 21.45 11.42
CA CYS B 95 -12.66 21.86 12.72
C CYS B 95 -11.33 21.17 13.01
N HIS B 96 -10.69 21.59 14.09
CA HIS B 96 -9.34 21.17 14.40
C HIS B 96 -9.09 21.39 15.90
N SER B 97 -8.41 20.44 16.53
CA SER B 97 -7.97 20.63 17.91
C SER B 97 -6.77 19.73 18.15
N TYR B 98 -6.40 19.52 19.42
CA TYR B 98 -5.21 18.71 19.71
C TYR B 98 -5.19 18.34 21.18
N SER B 99 -4.30 17.40 21.50
CA SER B 99 -3.83 17.09 22.84
C SER B 99 -2.40 16.61 22.69
N SER B 100 -2.16 15.30 22.74
CA SER B 100 -0.81 14.81 22.44
C SER B 100 -0.55 14.76 20.93
N GLY B 101 -1.58 14.51 20.12
CA GLY B 101 -1.50 14.60 18.68
C GLY B 101 -2.42 15.68 18.15
N ILE B 102 -2.35 15.89 16.84
CA ILE B 102 -3.18 16.89 16.16
C ILE B 102 -4.35 16.18 15.50
N VAL B 103 -5.55 16.73 15.67
CA VAL B 103 -6.77 16.07 15.21
C VAL B 103 -7.57 17.05 14.36
N PHE B 104 -8.02 16.58 13.19
CA PHE B 104 -8.95 17.29 12.33
C PHE B 104 -10.26 16.52 12.28
N GLY B 105 -11.37 17.23 12.32
CA GLY B 105 -12.62 16.62 11.98
C GLY B 105 -12.66 16.21 10.53
N GLY B 106 -13.66 15.40 10.18
CA GLY B 106 -13.70 14.90 8.82
C GLY B 106 -14.13 15.92 7.80
N GLY B 107 -14.63 17.06 8.23
CA GLY B 107 -15.07 18.05 7.26
C GLY B 107 -16.54 17.96 6.96
N THR B 108 -17.18 19.12 6.93
CA THR B 108 -18.59 19.25 6.60
C THR B 108 -18.68 20.04 5.31
N LYS B 109 -19.27 19.43 4.28
CA LYS B 109 -19.44 20.10 3.00
C LYS B 109 -20.73 20.91 3.05
N LEU B 110 -20.63 22.23 2.94
CA LEU B 110 -21.78 23.12 2.99
C LEU B 110 -22.26 23.42 1.58
N THR B 111 -23.56 23.32 1.36
CA THR B 111 -24.16 23.70 0.09
C THR B 111 -25.31 24.67 0.33
N VAL B 112 -25.49 25.59 -0.61
CA VAL B 112 -26.61 26.51 -0.61
C VAL B 112 -26.91 26.99 -2.03
N TRP B 124 -22.17 40.53 -10.25
CA TRP B 124 -20.73 40.83 -10.29
C TRP B 124 -20.40 41.68 -11.52
N THR B 125 -19.21 42.28 -11.51
CA THR B 125 -18.74 43.03 -12.66
C THR B 125 -17.76 42.17 -13.47
N VAL B 126 -17.55 42.60 -14.72
CA VAL B 126 -16.87 41.75 -15.70
C VAL B 126 -15.48 41.35 -15.21
N GLU B 127 -14.79 42.25 -14.48
CA GLU B 127 -13.45 41.93 -14.02
C GLU B 127 -13.46 40.81 -12.98
N ASP B 128 -14.41 40.85 -12.04
CA ASP B 128 -14.45 39.80 -11.03
C ASP B 128 -14.88 38.48 -11.65
N LEU B 129 -15.79 38.56 -12.64
CA LEU B 129 -16.25 37.37 -13.35
C LEU B 129 -15.11 36.76 -14.15
N GLN B 130 -14.33 37.59 -14.84
CA GLN B 130 -13.19 37.11 -15.60
C GLN B 130 -12.18 36.43 -14.69
N LYS B 131 -11.85 37.08 -13.57
CA LYS B 131 -10.97 36.47 -12.58
C LYS B 131 -11.50 35.11 -12.15
N ARG B 132 -12.81 35.01 -11.92
CA ARG B 132 -13.38 33.75 -11.44
C ARG B 132 -13.33 32.69 -12.53
N LEU B 133 -13.58 33.09 -13.78
CA LEU B 133 -13.50 32.15 -14.89
C LEU B 133 -12.08 31.59 -15.03
N LEU B 134 -11.09 32.46 -15.09
CA LEU B 134 -9.72 31.99 -15.34
C LEU B 134 -9.18 31.16 -14.18
N ALA B 135 -9.66 31.39 -12.95
CA ALA B 135 -9.24 30.57 -11.82
C ALA B 135 -9.64 29.10 -11.97
N LEU B 136 -10.64 28.80 -12.81
CA LEU B 136 -11.01 27.40 -13.01
C LEU B 136 -9.93 26.65 -13.79
N ASP B 137 -9.16 27.36 -14.63
CA ASP B 137 -8.20 26.66 -15.50
C ASP B 137 -7.10 25.98 -14.71
N PRO B 138 -6.39 26.63 -13.77
CA PRO B 138 -5.40 25.87 -13.00
C PRO B 138 -6.00 24.76 -12.14
N MET B 139 -7.25 24.91 -11.67
CA MET B 139 -7.86 23.82 -10.91
C MET B 139 -8.09 22.60 -11.80
N MET B 140 -8.69 22.81 -12.98
CA MET B 140 -8.87 21.70 -13.91
C MET B 140 -7.55 21.03 -14.23
N GLU B 141 -6.52 21.83 -14.53
CA GLU B 141 -5.23 21.27 -14.92
C GLU B 141 -4.66 20.38 -13.82
N GLN B 142 -4.77 20.82 -12.55
CA GLN B 142 -4.26 20.02 -11.46
C GLN B 142 -4.96 18.65 -11.38
N GLU B 143 -6.29 18.61 -11.52
CA GLU B 143 -6.99 17.33 -11.50
C GLU B 143 -6.56 16.45 -12.66
N ILE B 144 -6.36 17.03 -13.85
CA ILE B 144 -5.94 16.21 -14.98
C ILE B 144 -4.55 15.66 -14.74
N GLU B 145 -3.68 16.47 -14.12
CA GLU B 145 -2.31 16.04 -13.81
C GLU B 145 -2.29 14.87 -12.85
N GLU B 146 -3.15 14.90 -11.82
CA GLU B 146 -3.29 13.73 -10.95
C GLU B 146 -3.65 12.49 -11.76
N ILE B 147 -4.58 12.61 -12.70
CA ILE B 147 -4.98 11.46 -13.50
C ILE B 147 -3.81 10.97 -14.35
N ARG B 148 -3.07 11.90 -14.97
CA ARG B 148 -1.89 11.52 -15.74
C ARG B 148 -0.90 10.74 -14.88
N GLN B 149 -0.66 11.18 -13.64
CA GLN B 149 0.32 10.47 -12.81
C GLN B 149 -0.19 9.08 -12.44
N LYS B 150 -1.48 8.96 -12.13
CA LYS B 150 -2.07 7.67 -11.79
C LYS B 150 -1.89 6.65 -12.91
N TYR B 151 -2.17 7.05 -14.15
CA TYR B 151 -2.09 6.13 -15.28
C TYR B 151 -0.66 5.89 -15.74
N GLN B 152 0.26 6.84 -15.50
CA GLN B 152 1.68 6.58 -15.71
C GLN B 152 2.15 5.38 -14.90
N CYS B 153 1.57 5.16 -13.70
CA CYS B 153 1.90 3.96 -12.92
C CYS B 153 1.44 2.68 -13.62
N LYS B 154 0.26 2.70 -14.24
CA LYS B 154 -0.27 1.51 -14.90
C LYS B 154 0.39 1.29 -16.25
N ARG B 155 0.84 2.37 -16.90
CA ARG B 155 1.39 2.30 -18.24
C ARG B 155 2.85 1.85 -18.23
N GLN B 156 3.64 2.28 -17.24
CA GLN B 156 5.08 2.02 -17.30
C GLN B 156 5.45 0.54 -17.31
N PRO B 157 4.84 -0.35 -16.53
CA PRO B 157 5.19 -1.78 -16.65
C PRO B 157 5.02 -2.31 -18.06
N ILE B 158 4.00 -1.85 -18.78
CA ILE B 158 3.80 -2.29 -20.15
C ILE B 158 4.97 -1.83 -21.03
N LEU B 159 5.29 -0.53 -20.97
CA LEU B 159 6.36 0.00 -21.83
C LEU B 159 7.69 -0.60 -21.45
N ASP B 160 7.94 -0.80 -20.16
CA ASP B 160 9.14 -1.52 -19.75
C ASP B 160 9.14 -2.96 -20.27
N ALA B 161 7.98 -3.62 -20.27
CA ALA B 161 7.93 -4.97 -20.82
C ALA B 161 8.21 -4.98 -22.32
N ILE B 162 7.78 -3.94 -23.03
CA ILE B 162 7.97 -3.88 -24.47
C ILE B 162 9.45 -3.73 -24.82
N GLU B 163 10.17 -2.88 -24.09
CA GLU B 163 11.60 -2.71 -24.40
C GLU B 163 12.37 -3.99 -24.16
N ALA B 164 11.86 -4.87 -23.31
CA ALA B 164 12.52 -6.15 -23.04
C ALA B 164 11.98 -7.25 -23.95
N GLY C 3 -1.28 25.88 30.85
CA GLY C 3 -1.57 25.82 29.43
C GLY C 3 -0.51 25.10 28.62
N VAL C 4 -0.92 24.48 27.52
CA VAL C 4 -0.02 23.72 26.68
C VAL C 4 -0.27 24.10 25.22
N ALA C 5 0.81 24.29 24.47
CA ALA C 5 0.69 24.67 23.09
C ALA C 5 0.49 23.42 22.22
N MET C 6 -0.05 23.65 21.02
CA MET C 6 -0.20 22.56 20.06
C MET C 6 1.16 21.90 19.86
N PRO C 7 1.22 20.57 19.77
CA PRO C 7 2.51 19.89 19.56
C PRO C 7 3.26 20.50 18.39
N GLY C 8 4.54 20.83 18.61
CA GLY C 8 5.38 21.45 17.60
C GLY C 8 5.30 22.96 17.54
N ALA C 9 4.34 23.56 18.21
CA ALA C 9 4.21 25.00 18.31
C ALA C 9 4.56 25.51 19.70
N GLU C 10 5.14 24.67 20.56
CA GLU C 10 5.45 25.11 21.91
C GLU C 10 6.56 26.17 21.96
N ASP C 11 7.26 26.44 20.86
CA ASP C 11 8.31 27.46 20.86
C ASP C 11 7.96 28.68 20.00
N ASP C 12 6.75 28.75 19.46
CA ASP C 12 6.33 29.93 18.72
C ASP C 12 6.32 31.16 19.63
N VAL C 13 6.74 32.30 19.08
CA VAL C 13 6.78 33.56 19.83
C VAL C 13 5.39 34.17 19.95
N VAL D 6 -0.47 -35.95 6.21
CA VAL D 6 0.21 -34.82 6.86
C VAL D 6 0.07 -33.54 6.02
N GLN D 7 -1.04 -32.83 6.20
CA GLN D 7 -1.40 -31.73 5.30
C GLN D 7 -1.58 -30.42 6.03
N LEU D 8 -1.41 -29.34 5.27
CA LEU D 8 -1.72 -27.98 5.69
C LEU D 8 -2.59 -27.38 4.62
N VAL D 9 -3.80 -26.95 4.98
CA VAL D 9 -4.78 -26.47 4.02
C VAL D 9 -5.29 -25.11 4.49
N GLU D 10 -4.76 -24.04 3.90
CA GLU D 10 -5.19 -22.67 4.16
C GLU D 10 -6.61 -22.43 3.68
N SER D 11 -7.30 -21.51 4.34
CA SER D 11 -8.66 -21.12 3.99
C SER D 11 -8.90 -19.68 4.40
N GLY D 12 -9.95 -19.07 3.83
CA GLY D 12 -10.44 -17.80 4.30
C GLY D 12 -9.75 -16.59 3.72
N GLY D 13 -9.28 -16.66 2.48
CA GLY D 13 -8.54 -15.57 1.87
C GLY D 13 -9.35 -14.80 0.87
N GLY D 14 -8.69 -14.42 -0.23
CA GLY D 14 -9.40 -13.76 -1.32
C GLY D 14 -9.40 -12.26 -1.21
N LEU D 15 -10.43 -11.65 -1.78
CA LEU D 15 -10.55 -10.21 -1.86
C LEU D 15 -10.83 -9.60 -0.49
N VAL D 16 -10.27 -8.42 -0.24
CA VAL D 16 -10.54 -7.68 0.99
C VAL D 16 -10.24 -6.20 0.76
N GLN D 17 -11.09 -5.33 1.36
CA GLN D 17 -10.91 -3.88 1.27
C GLN D 17 -9.90 -3.39 2.30
N PRO D 18 -9.14 -2.34 1.96
CA PRO D 18 -8.16 -1.81 2.92
C PRO D 18 -8.84 -1.30 4.17
N GLY D 19 -8.13 -1.40 5.29
CA GLY D 19 -8.68 -1.04 6.58
C GLY D 19 -9.63 -2.05 7.17
N ARG D 20 -10.03 -3.06 6.41
CA ARG D 20 -10.92 -4.11 6.88
C ARG D 20 -10.14 -5.36 7.24
N SER D 21 -10.86 -6.37 7.68
CA SER D 21 -10.28 -7.54 8.32
C SER D 21 -10.45 -8.77 7.46
N LEU D 22 -9.62 -9.77 7.73
CA LEU D 22 -9.68 -11.05 7.06
C LEU D 22 -8.97 -12.05 7.94
N LYS D 23 -9.61 -13.19 8.19
CA LYS D 23 -9.03 -14.22 9.05
C LYS D 23 -8.64 -15.39 8.17
N LEU D 24 -7.37 -15.78 8.20
CA LEU D 24 -6.94 -17.01 7.53
C LEU D 24 -6.91 -18.18 8.49
N SER D 25 -7.28 -19.34 7.99
CA SER D 25 -7.29 -20.59 8.75
C SER D 25 -6.38 -21.60 8.08
N CYS D 26 -5.76 -22.43 8.89
CA CYS D 26 -4.93 -23.52 8.37
C CYS D 26 -5.36 -24.80 9.08
N ALA D 27 -6.02 -25.69 8.35
CA ALA D 27 -6.50 -26.95 8.92
C ALA D 27 -5.37 -27.97 8.85
N ALA D 28 -4.95 -28.46 10.01
CA ALA D 28 -3.84 -29.40 10.10
C ALA D 28 -4.35 -30.83 10.21
N SER D 29 -3.52 -31.76 9.75
CA SER D 29 -3.82 -33.19 9.86
C SER D 29 -2.55 -33.98 9.63
N GLY D 30 -2.57 -35.24 10.07
CA GLY D 30 -1.44 -36.12 9.90
C GLY D 30 -0.38 -36.04 10.99
N PHE D 31 -0.63 -35.29 12.07
CA PHE D 31 0.28 -35.25 13.21
C PHE D 31 -0.51 -34.79 14.43
N THR D 32 0.10 -34.94 15.61
CA THR D 32 -0.49 -34.40 16.81
C THR D 32 -0.35 -32.88 16.81
N PHE D 33 -1.48 -32.17 16.79
CA PHE D 33 -1.46 -30.74 16.50
C PHE D 33 -0.72 -29.95 17.58
N SER D 34 -0.99 -30.27 18.84
CA SER D 34 -0.38 -29.55 19.96
C SER D 34 1.12 -29.82 20.12
N ASN D 35 1.70 -30.73 19.34
CA ASN D 35 3.11 -31.07 19.44
C ASN D 35 4.02 -30.09 18.71
N TYR D 36 3.47 -29.10 18.01
CA TYR D 36 4.27 -28.26 17.11
C TYR D 36 3.79 -26.83 17.10
N GLY D 37 4.72 -25.91 16.82
CA GLY D 37 4.35 -24.56 16.47
C GLY D 37 3.92 -24.45 15.02
N MET D 38 3.18 -23.38 14.73
CA MET D 38 2.71 -23.08 13.38
C MET D 38 3.14 -21.66 13.01
N ALA D 39 3.20 -21.38 11.72
CA ALA D 39 3.65 -20.09 11.25
C ALA D 39 2.93 -19.71 9.96
N TRP D 40 3.10 -18.46 9.55
CA TRP D 40 2.57 -17.94 8.30
C TRP D 40 3.67 -17.21 7.55
N VAL D 41 3.85 -17.57 6.28
CA VAL D 41 4.86 -16.95 5.42
C VAL D 41 4.15 -16.48 4.17
N ARG D 42 4.54 -15.31 3.62
CA ARG D 42 3.90 -14.80 2.41
C ARG D 42 4.93 -14.57 1.30
N GLN D 43 4.42 -14.45 0.06
CA GLN D 43 5.29 -14.41 -1.11
C GLN D 43 4.66 -13.61 -2.25
N THR D 44 5.54 -13.01 -3.07
CA THR D 44 5.26 -12.31 -4.33
C THR D 44 6.30 -12.73 -5.37
N PRO D 45 5.95 -12.74 -6.68
CA PRO D 45 6.95 -13.16 -7.69
C PRO D 45 8.21 -12.29 -7.74
N THR D 46 8.22 -11.12 -7.11
CA THR D 46 9.39 -10.25 -7.10
C THR D 46 10.02 -10.12 -5.71
N LYS D 47 9.23 -9.90 -4.66
CA LYS D 47 9.80 -9.63 -3.34
C LYS D 47 10.02 -10.89 -2.52
N GLY D 48 9.98 -12.07 -3.14
CA GLY D 48 10.31 -13.35 -2.52
C GLY D 48 9.46 -13.65 -1.31
N LEU D 49 9.98 -14.47 -0.41
CA LEU D 49 9.27 -14.90 0.79
C LEU D 49 9.65 -14.06 2.01
N GLU D 50 8.67 -13.86 2.89
CA GLU D 50 8.83 -13.01 4.05
C GLU D 50 8.03 -13.60 5.21
N TRP D 51 8.70 -13.90 6.31
CA TRP D 51 8.01 -14.46 7.47
C TRP D 51 6.99 -13.47 8.01
N ILE D 52 5.82 -13.98 8.41
CA ILE D 52 4.73 -13.15 8.93
C ILE D 52 4.54 -13.37 10.44
N ALA D 53 4.20 -14.59 10.83
CA ALA D 53 3.88 -14.81 12.24
C ALA D 53 4.14 -16.26 12.60
N SER D 54 4.56 -16.47 13.86
CA SER D 54 4.74 -17.80 14.42
C SER D 54 4.04 -17.88 15.78
N ILE D 55 3.63 -19.10 16.12
CA ILE D 55 3.04 -19.41 17.41
C ILE D 55 3.70 -20.69 17.92
N SER D 56 3.76 -20.83 19.24
CA SER D 56 4.48 -21.92 19.87
C SER D 56 3.58 -23.16 19.93
N ALA D 57 4.15 -24.28 20.40
CA ALA D 57 3.38 -25.52 20.47
C ALA D 57 2.21 -25.38 21.46
N GLY D 58 2.51 -25.08 22.72
CA GLY D 58 1.49 -24.96 23.74
C GLY D 58 0.75 -23.63 23.73
N GLY D 59 0.99 -22.82 22.70
CA GLY D 59 0.26 -21.58 22.48
C GLY D 59 0.54 -20.45 23.45
N ASP D 60 1.66 -20.48 24.18
CA ASP D 60 1.96 -19.42 25.13
C ASP D 60 2.69 -18.23 24.53
N LYS D 61 3.40 -18.42 23.42
CA LYS D 61 4.24 -17.37 22.85
C LYS D 61 3.91 -17.17 21.38
N THR D 62 3.89 -15.90 20.96
CA THR D 62 3.67 -15.52 19.57
C THR D 62 4.74 -14.54 19.13
N TYR D 63 5.03 -14.55 17.83
CA TYR D 63 6.11 -13.75 17.24
C TYR D 63 5.62 -13.18 15.91
N TYR D 64 6.20 -12.06 15.50
CA TYR D 64 5.68 -11.37 14.32
C TYR D 64 6.80 -10.77 13.50
N GLY D 65 6.62 -10.79 12.18
CA GLY D 65 7.54 -10.11 11.30
C GLY D 65 7.39 -8.61 11.38
N ASP D 66 8.50 -7.91 11.17
CA ASP D 66 8.54 -6.47 11.42
C ASP D 66 7.48 -5.73 10.61
N SER D 67 7.24 -6.15 9.36
CA SER D 67 6.25 -5.48 8.52
C SER D 67 4.83 -5.60 9.07
N VAL D 68 4.64 -6.38 10.13
CA VAL D 68 3.33 -6.91 10.48
C VAL D 68 2.90 -6.54 11.89
N LYS D 69 3.81 -6.07 12.73
CA LYS D 69 3.58 -6.07 14.17
C LYS D 69 2.44 -5.13 14.55
N GLY D 70 1.52 -5.65 15.36
CA GLY D 70 0.38 -4.90 15.83
C GLY D 70 -0.82 -4.87 14.91
N ARG D 71 -0.68 -5.39 13.68
CA ARG D 71 -1.78 -5.47 12.73
C ARG D 71 -2.34 -6.87 12.57
N PHE D 72 -1.48 -7.90 12.60
CA PHE D 72 -1.90 -9.28 12.47
C PHE D 72 -1.69 -9.99 13.81
N SER D 73 -2.60 -10.89 14.16
CA SER D 73 -2.46 -11.68 15.37
C SER D 73 -2.73 -13.14 15.03
N ILE D 74 -1.93 -14.03 15.61
CA ILE D 74 -2.03 -15.46 15.33
C ILE D 74 -2.56 -16.18 16.58
N SER D 75 -3.46 -17.14 16.38
CA SER D 75 -4.01 -17.94 17.46
C SER D 75 -4.17 -19.39 16.99
N ARG D 76 -4.44 -20.30 17.93
CA ARG D 76 -4.60 -21.70 17.57
C ARG D 76 -5.65 -22.37 18.46
N ASP D 77 -6.47 -23.22 17.86
CA ASP D 77 -7.60 -23.87 18.52
C ASP D 77 -7.42 -25.39 18.38
N ASN D 78 -6.86 -26.02 19.42
CA ASN D 78 -6.45 -27.41 19.31
C ASN D 78 -7.61 -28.37 19.15
N ALA D 79 -8.81 -27.98 19.61
CA ALA D 79 -9.99 -28.81 19.44
C ALA D 79 -10.44 -28.86 17.98
N LYS D 80 -10.06 -27.87 17.18
CA LYS D 80 -10.31 -27.88 15.74
C LYS D 80 -9.07 -28.22 14.91
N THR D 81 -7.91 -28.44 15.56
CA THR D 81 -6.62 -28.65 14.88
C THR D 81 -6.41 -27.62 13.77
N THR D 82 -6.66 -26.36 14.10
CA THR D 82 -6.63 -25.24 13.18
C THR D 82 -5.85 -24.10 13.82
N HIS D 83 -5.12 -23.33 13.03
CA HIS D 83 -4.60 -22.07 13.55
C HIS D 83 -5.00 -20.96 12.60
N TYR D 84 -4.96 -19.72 13.12
CA TYR D 84 -5.61 -18.59 12.49
C TYR D 84 -4.66 -17.39 12.51
N LEU D 85 -4.61 -16.66 11.39
CA LEU D 85 -3.91 -15.37 11.31
C LEU D 85 -4.99 -14.31 11.09
N GLN D 86 -5.36 -13.60 12.16
CA GLN D 86 -6.30 -12.49 12.06
C GLN D 86 -5.57 -11.25 11.57
N MET D 87 -5.98 -10.74 10.41
CA MET D 87 -5.31 -9.64 9.74
C MET D 87 -6.22 -8.42 9.77
N ASP D 88 -5.87 -7.43 10.57
CA ASP D 88 -6.59 -6.16 10.53
C ASP D 88 -5.70 -5.11 9.89
N SER D 89 -6.32 -4.01 9.46
CA SER D 89 -5.62 -2.84 8.92
C SER D 89 -4.78 -3.21 7.70
N LEU D 90 -5.39 -3.99 6.81
CA LEU D 90 -4.70 -4.44 5.61
C LEU D 90 -4.49 -3.29 4.64
N ARG D 91 -3.36 -3.33 3.94
CA ARG D 91 -3.06 -2.36 2.90
C ARG D 91 -2.56 -3.10 1.67
N SER D 92 -2.53 -2.37 0.55
CA SER D 92 -2.32 -3.01 -0.74
C SER D 92 -1.00 -3.77 -0.81
N GLU D 93 -0.01 -3.37 -0.02
CA GLU D 93 1.22 -4.14 -0.03
C GLU D 93 1.12 -5.46 0.73
N ASP D 94 -0.01 -5.75 1.39
CA ASP D 94 -0.25 -7.06 1.97
C ASP D 94 -0.78 -8.07 0.97
N THR D 95 -1.02 -7.65 -0.27
CA THR D 95 -1.35 -8.58 -1.34
C THR D 95 -0.19 -9.53 -1.57
N ALA D 96 -0.48 -10.83 -1.48
CA ALA D 96 0.51 -11.88 -1.68
C ALA D 96 -0.18 -13.22 -1.55
N THR D 97 0.59 -14.27 -1.80
CA THR D 97 0.19 -15.61 -1.45
C THR D 97 0.65 -15.86 -0.03
N TYR D 98 -0.24 -16.40 0.80
CA TYR D 98 0.06 -16.67 2.19
C TYR D 98 0.12 -18.18 2.40
N TYR D 99 1.26 -18.63 2.92
CA TYR D 99 1.48 -20.03 3.25
C TYR D 99 1.36 -20.22 4.76
N CYS D 100 0.56 -21.19 5.18
CA CYS D 100 0.82 -21.66 6.53
C CYS D 100 1.95 -22.69 6.47
N ALA D 101 2.53 -22.96 7.62
CA ALA D 101 3.65 -23.88 7.70
C ALA D 101 3.70 -24.42 9.12
N LYS D 102 4.27 -25.61 9.26
CA LYS D 102 4.55 -26.20 10.56
C LYS D 102 6.05 -26.23 10.80
N THR D 103 6.44 -26.22 12.06
CA THR D 103 7.84 -26.16 12.44
C THR D 103 8.25 -27.41 13.21
N SER D 104 9.56 -27.65 13.23
CA SER D 104 10.18 -28.65 14.11
C SER D 104 11.46 -28.01 14.66
N ARG D 105 11.32 -27.27 15.75
CA ARG D 105 12.45 -26.72 16.50
C ARG D 105 13.30 -25.72 15.72
N VAL D 106 13.68 -26.04 14.49
CA VAL D 106 14.77 -25.34 13.82
C VAL D 106 14.42 -24.87 12.41
N TYR D 107 13.31 -25.35 11.84
CA TYR D 107 12.94 -24.98 10.47
C TYR D 107 11.47 -25.27 10.22
N PHE D 108 11.01 -24.85 9.04
CA PHE D 108 9.68 -25.19 8.53
C PHE D 108 9.80 -26.49 7.72
N ASP D 109 9.17 -27.56 8.20
CA ASP D 109 9.31 -28.83 7.50
C ASP D 109 8.27 -29.02 6.40
N TYR D 110 7.05 -28.52 6.58
CA TYR D 110 6.03 -28.61 5.54
C TYR D 110 5.30 -27.29 5.37
N TRP D 111 4.97 -26.99 4.13
CA TRP D 111 4.22 -25.79 3.75
C TRP D 111 2.84 -26.19 3.24
N GLY D 112 1.92 -25.23 3.29
CA GLY D 112 0.59 -25.41 2.75
C GLY D 112 0.57 -25.22 1.25
N GLN D 113 -0.63 -25.03 0.70
CA GLN D 113 -0.74 -24.73 -0.73
C GLN D 113 -0.68 -23.23 -1.00
N GLY D 114 -0.69 -22.41 0.03
CA GLY D 114 -0.68 -20.98 -0.15
C GLY D 114 -2.04 -20.46 -0.59
N VAL D 115 -2.61 -19.52 0.15
CA VAL D 115 -3.88 -18.89 -0.22
C VAL D 115 -3.60 -17.45 -0.65
N MET D 116 -4.28 -17.03 -1.72
CA MET D 116 -4.08 -15.70 -2.27
C MET D 116 -4.95 -14.70 -1.51
N VAL D 117 -4.31 -13.67 -0.94
CA VAL D 117 -4.98 -12.53 -0.34
C VAL D 117 -4.78 -11.34 -1.28
N THR D 118 -5.88 -10.69 -1.63
CA THR D 118 -5.89 -9.60 -2.61
C THR D 118 -6.50 -8.39 -1.91
N VAL D 119 -5.64 -7.51 -1.41
CA VAL D 119 -6.09 -6.27 -0.79
C VAL D 119 -6.32 -5.25 -1.88
N CYS D 120 -7.55 -4.78 -2.02
CA CYS D 120 -7.82 -3.73 -2.99
C CYS D 120 -7.03 -2.46 -2.62
N SER D 121 -6.89 -1.57 -3.59
CA SER D 121 -6.20 -0.32 -3.29
C SER D 121 -7.13 0.61 -2.53
N GLY D 122 -6.60 1.29 -1.54
CA GLY D 122 -7.43 2.24 -0.83
C GLY D 122 -7.62 3.53 -1.60
N SER D 123 -7.31 3.50 -2.89
CA SER D 123 -7.31 4.69 -3.73
C SER D 123 -8.66 5.38 -3.71
N ASP D 124 -8.65 6.65 -4.06
CA ASP D 124 -9.80 7.52 -3.85
C ASP D 124 -10.72 7.50 -5.06
N TYR D 125 -12.01 7.28 -4.83
CA TYR D 125 -12.97 7.12 -5.92
C TYR D 125 -14.05 8.17 -5.91
N GLU D 126 -13.82 9.29 -5.21
CA GLU D 126 -14.82 10.37 -5.22
C GLU D 126 -15.01 10.96 -6.60
N PHE D 127 -14.04 10.81 -7.50
CA PHE D 127 -14.19 11.35 -8.83
C PHE D 127 -15.34 10.69 -9.60
N LEU D 128 -15.72 9.47 -9.25
CA LEU D 128 -16.81 8.81 -9.96
C LEU D 128 -18.15 9.47 -9.67
N LYS D 129 -18.23 10.31 -8.63
CA LYS D 129 -19.53 10.87 -8.25
C LYS D 129 -20.13 11.72 -9.35
N SER D 130 -19.30 12.35 -10.19
CA SER D 130 -19.83 13.22 -11.25
C SER D 130 -20.24 12.44 -12.49
N TRP D 131 -20.05 11.13 -12.51
CA TRP D 131 -20.30 10.32 -13.71
C TRP D 131 -21.75 9.85 -13.76
N THR D 132 -22.29 9.78 -14.98
CA THR D 132 -23.62 9.19 -15.13
C THR D 132 -23.54 7.66 -15.06
N VAL D 133 -24.71 7.03 -14.95
CA VAL D 133 -24.77 5.57 -14.95
C VAL D 133 -24.21 5.02 -16.26
N GLU D 134 -24.54 5.67 -17.38
CA GLU D 134 -23.96 5.26 -18.67
C GLU D 134 -22.45 5.31 -18.62
N ASP D 135 -21.89 6.42 -18.10
CA ASP D 135 -20.44 6.57 -18.00
C ASP D 135 -19.82 5.44 -17.19
N LEU D 136 -20.44 5.08 -16.07
CA LEU D 136 -19.80 4.12 -15.18
C LEU D 136 -19.90 2.70 -15.72
N GLN D 137 -21.04 2.34 -16.32
CA GLN D 137 -21.17 1.00 -16.90
C GLN D 137 -20.18 0.85 -18.04
N LYS D 138 -20.02 1.89 -18.85
CA LYS D 138 -19.02 1.84 -19.90
C LYS D 138 -17.62 1.59 -19.34
N ARG D 139 -17.30 2.14 -18.17
CA ARG D 139 -16.01 1.79 -17.58
C ARG D 139 -16.00 0.33 -17.09
N LEU D 140 -17.12 -0.14 -16.51
CA LEU D 140 -17.25 -1.58 -16.25
C LEU D 140 -16.98 -2.39 -17.50
N LEU D 141 -17.59 -2.00 -18.61
CA LEU D 141 -17.42 -2.78 -19.84
C LEU D 141 -15.99 -2.71 -20.36
N ALA D 142 -15.30 -1.59 -20.15
CA ALA D 142 -13.92 -1.45 -20.64
C ALA D 142 -12.95 -2.32 -19.85
N LEU D 143 -13.26 -2.63 -18.58
CA LEU D 143 -12.38 -3.47 -17.78
C LEU D 143 -12.38 -4.90 -18.26
N ASP D 144 -13.54 -5.40 -18.72
CA ASP D 144 -13.68 -6.81 -19.06
C ASP D 144 -12.66 -7.28 -20.08
N PRO D 145 -12.53 -6.68 -21.27
CA PRO D 145 -11.54 -7.20 -22.22
C PRO D 145 -10.12 -7.16 -21.68
N MET D 146 -9.81 -6.21 -20.79
CA MET D 146 -8.48 -6.24 -20.18
C MET D 146 -8.31 -7.47 -19.28
N MET D 147 -9.33 -7.80 -18.48
CA MET D 147 -9.26 -9.04 -17.71
C MET D 147 -9.16 -10.26 -18.63
N GLU D 148 -10.06 -10.36 -19.61
CA GLU D 148 -10.04 -11.50 -20.54
C GLU D 148 -8.67 -11.66 -21.19
N GLN D 149 -8.03 -10.55 -21.56
CA GLN D 149 -6.70 -10.61 -22.16
C GLN D 149 -5.69 -11.26 -21.21
N GLU D 150 -5.73 -10.92 -19.91
CA GLU D 150 -4.81 -11.54 -18.95
C GLU D 150 -5.11 -13.03 -18.81
N ILE D 151 -6.39 -13.40 -18.76
CA ILE D 151 -6.74 -14.79 -18.66
C ILE D 151 -6.27 -15.54 -19.89
N GLU D 152 -6.41 -14.93 -21.08
CA GLU D 152 -6.06 -15.64 -22.31
C GLU D 152 -4.56 -15.83 -22.42
N GLU D 153 -3.76 -14.89 -21.89
CA GLU D 153 -2.32 -15.13 -21.90
C GLU D 153 -1.92 -16.21 -20.91
N ILE D 154 -2.62 -16.33 -19.77
CA ILE D 154 -2.39 -17.44 -18.86
C ILE D 154 -2.71 -18.76 -19.55
N ARG D 155 -3.86 -18.83 -20.25
CA ARG D 155 -4.21 -20.05 -20.97
C ARG D 155 -3.17 -20.41 -22.02
N GLN D 156 -2.67 -19.44 -22.79
CA GLN D 156 -1.64 -19.73 -23.79
C GLN D 156 -0.36 -20.23 -23.13
N LYS D 157 0.06 -19.59 -22.04
CA LYS D 157 1.25 -20.05 -21.35
C LYS D 157 1.14 -21.52 -20.98
N TYR D 158 -0.01 -21.95 -20.45
CA TYR D 158 -0.14 -23.34 -20.04
C TYR D 158 -0.31 -24.26 -21.24
N GLN D 159 -0.89 -23.78 -22.34
CA GLN D 159 -0.95 -24.59 -23.55
C GLN D 159 0.44 -24.97 -24.03
N SER D 160 1.40 -24.05 -23.95
CA SER D 160 2.74 -24.40 -24.40
C SER D 160 3.50 -25.26 -23.39
N LYS D 161 3.15 -25.20 -22.10
CA LYS D 161 3.68 -26.16 -21.12
C LYS D 161 3.12 -27.56 -21.31
N ARG D 162 1.87 -27.68 -21.75
CA ARG D 162 1.29 -29.01 -21.95
C ARG D 162 2.01 -29.77 -23.06
N GLN D 163 2.44 -29.05 -24.09
CA GLN D 163 2.87 -29.70 -25.32
C GLN D 163 4.03 -30.65 -25.14
N PRO D 164 5.14 -30.30 -24.47
CA PRO D 164 6.24 -31.28 -24.38
C PRO D 164 5.83 -32.54 -23.63
N ILE D 165 4.89 -32.44 -22.70
CA ILE D 165 4.44 -33.62 -21.95
C ILE D 165 3.56 -34.50 -22.82
N LEU D 166 2.66 -33.88 -23.59
CA LEU D 166 1.89 -34.63 -24.57
C LEU D 166 2.80 -35.34 -25.56
N ASP D 167 3.83 -34.63 -26.05
CA ASP D 167 4.78 -35.23 -26.98
C ASP D 167 5.53 -36.39 -26.34
N ALA D 168 5.88 -36.26 -25.06
CA ALA D 168 6.63 -37.32 -24.38
C ALA D 168 5.75 -38.54 -24.12
N ILE D 169 4.51 -38.31 -23.69
CA ILE D 169 3.57 -39.41 -23.52
C ILE D 169 3.31 -40.09 -24.85
N GLU D 170 3.14 -39.30 -25.92
CA GLU D 170 2.91 -39.88 -27.24
C GLU D 170 4.16 -40.55 -27.79
N ALA D 171 5.34 -40.17 -27.30
CA ALA D 171 6.58 -40.79 -27.77
C ALA D 171 6.67 -42.26 -27.40
N LYS D 172 6.09 -42.65 -26.26
CA LYS D 172 6.10 -44.04 -25.84
C LYS D 172 5.37 -44.89 -26.87
N GLN E 5 18.95 -7.71 13.67
CA GLN E 5 18.49 -8.72 12.72
C GLN E 5 19.19 -8.54 11.37
N PHE E 6 19.79 -9.62 10.89
CA PHE E 6 20.60 -9.63 9.69
C PHE E 6 19.74 -9.84 8.44
N VAL E 7 20.40 -9.83 7.29
CA VAL E 7 19.77 -10.03 5.99
C VAL E 7 20.59 -11.04 5.20
N LEU E 8 19.90 -11.96 4.52
CA LEU E 8 20.52 -12.95 3.65
C LEU E 8 20.45 -12.46 2.21
N THR E 9 21.60 -12.31 1.55
CA THR E 9 21.66 -11.85 0.17
C THR E 9 22.10 -13.00 -0.72
N GLN E 10 21.46 -13.13 -1.89
CA GLN E 10 21.66 -14.24 -2.81
C GLN E 10 21.55 -13.70 -4.23
N PRO E 11 22.43 -14.13 -5.15
CA PRO E 11 22.29 -13.73 -6.55
C PRO E 11 20.92 -14.13 -7.09
N ASN E 12 20.47 -13.40 -8.11
CA ASN E 12 19.13 -13.61 -8.64
C ASN E 12 19.09 -14.61 -9.80
N SER E 13 20.19 -14.77 -10.55
CA SER E 13 20.18 -15.56 -11.78
C SER E 13 21.52 -16.24 -11.97
N VAL E 14 21.48 -17.55 -12.20
CA VAL E 14 22.68 -18.35 -12.47
C VAL E 14 22.43 -19.19 -13.72
N SER E 15 23.43 -19.26 -14.59
CA SER E 15 23.34 -19.97 -15.86
C SER E 15 24.43 -21.04 -15.89
N THR E 16 24.02 -22.31 -16.00
CA THR E 16 24.90 -23.47 -15.92
C THR E 16 24.48 -24.47 -16.99
N ASN E 17 25.27 -25.56 -17.13
CA ASN E 17 25.01 -26.65 -18.05
C ASN E 17 24.91 -27.97 -17.28
N LEU E 18 24.41 -29.00 -17.98
CA LEU E 18 24.16 -30.30 -17.36
C LEU E 18 25.45 -30.91 -16.80
N GLY E 19 25.27 -31.78 -15.79
CA GLY E 19 26.35 -32.53 -15.19
C GLY E 19 27.24 -31.77 -14.23
N SER E 20 27.12 -30.45 -14.16
CA SER E 20 28.05 -29.64 -13.39
C SER E 20 27.80 -29.79 -11.89
N THR E 21 28.61 -29.09 -11.09
CA THR E 21 28.44 -29.02 -9.65
C THR E 21 28.42 -27.54 -9.29
N VAL E 22 27.22 -26.98 -9.18
CA VAL E 22 27.07 -25.55 -8.97
C VAL E 22 26.97 -25.28 -7.47
N LYS E 23 27.30 -24.04 -7.09
CA LYS E 23 27.29 -23.62 -5.69
C LYS E 23 26.38 -22.42 -5.53
N LEU E 24 25.35 -22.55 -4.69
CA LEU E 24 24.41 -21.49 -4.38
C LEU E 24 24.77 -20.92 -3.01
N SER E 25 24.98 -19.62 -2.95
CA SER E 25 25.55 -18.96 -1.79
C SER E 25 24.56 -17.97 -1.21
N CYS E 26 24.50 -17.85 0.11
CA CYS E 26 23.78 -16.74 0.71
C CYS E 26 24.53 -16.26 1.94
N LYS E 27 24.67 -14.93 2.07
CA LYS E 27 25.54 -14.30 3.06
C LYS E 27 24.73 -13.68 4.18
N ARG E 28 25.13 -13.98 5.42
CA ARG E 28 24.60 -13.28 6.59
C ARG E 28 25.28 -11.91 6.68
N SER E 29 24.47 -10.84 6.63
CA SER E 29 24.99 -9.49 6.48
C SER E 29 25.84 -9.07 7.69
N THR E 30 25.22 -9.03 8.87
CA THR E 30 25.95 -8.75 10.09
C THR E 30 25.80 -9.93 11.04
N GLY E 31 26.87 -10.25 11.75
CA GLY E 31 26.88 -11.44 12.58
C GLY E 31 27.42 -12.62 11.80
N ASN E 32 27.41 -13.77 12.46
CA ASN E 32 28.13 -14.93 11.95
C ASN E 32 27.20 -16.04 11.48
N ILE E 33 27.61 -16.72 10.42
CA ILE E 33 26.80 -17.79 9.84
C ILE E 33 26.55 -18.90 10.88
N GLY E 34 27.59 -19.34 11.59
CA GLY E 34 27.52 -20.49 12.48
C GLY E 34 26.78 -20.31 13.80
N SER E 35 26.34 -19.08 14.11
CA SER E 35 25.60 -18.79 15.34
C SER E 35 24.19 -19.37 15.33
N ASN E 36 23.59 -19.56 14.15
CA ASN E 36 22.26 -20.16 14.06
C ASN E 36 22.17 -21.07 12.84
N TYR E 37 21.29 -22.06 12.93
CA TYR E 37 21.18 -23.06 11.87
C TYR E 37 20.64 -22.44 10.58
N VAL E 38 21.23 -22.84 9.46
CA VAL E 38 20.77 -22.47 8.12
C VAL E 38 19.88 -23.58 7.57
N ASN E 39 18.95 -23.21 6.69
CA ASN E 39 18.13 -24.17 5.97
C ASN E 39 18.02 -23.73 4.51
N TRP E 40 17.46 -24.59 3.67
CA TRP E 40 17.37 -24.35 2.24
C TRP E 40 16.05 -24.88 1.68
N TYR E 41 15.45 -24.14 0.77
CA TYR E 41 14.17 -24.53 0.20
C TYR E 41 14.21 -24.34 -1.31
N GLN E 42 13.52 -25.25 -2.02
CA GLN E 42 13.40 -25.24 -3.46
C GLN E 42 11.93 -24.98 -3.82
N GLN E 43 11.71 -24.29 -4.94
CA GLN E 43 10.35 -23.94 -5.36
C GLN E 43 10.30 -23.95 -6.90
N HIS E 44 9.74 -25.01 -7.46
CA HIS E 44 9.41 -25.03 -8.89
C HIS E 44 8.22 -24.10 -9.14
N GLU E 45 8.02 -23.77 -10.41
CA GLU E 45 6.92 -22.89 -10.83
C GLU E 45 5.58 -23.39 -10.31
N GLY E 46 4.88 -22.52 -9.59
CA GLY E 46 3.51 -22.77 -9.18
C GLY E 46 3.32 -23.85 -8.13
N ARG E 47 4.27 -24.00 -7.21
CA ARG E 47 4.22 -25.06 -6.21
C ARG E 47 4.73 -24.51 -4.88
N SER E 48 4.46 -25.24 -3.79
CA SER E 48 4.98 -24.88 -2.49
C SER E 48 6.49 -25.10 -2.44
N PRO E 49 7.20 -24.36 -1.60
CA PRO E 49 8.58 -24.74 -1.28
C PRO E 49 8.60 -26.05 -0.51
N THR E 50 9.65 -26.83 -0.76
CA THR E 50 9.88 -28.06 -0.04
C THR E 50 11.26 -27.98 0.59
N THR E 51 11.39 -28.61 1.77
CA THR E 51 12.66 -28.57 2.48
C THR E 51 13.74 -29.32 1.72
N MET E 52 14.86 -28.65 1.50
CA MET E 52 15.99 -29.26 0.84
C MET E 52 17.08 -29.66 1.83
N ILE E 53 17.38 -28.80 2.81
CA ILE E 53 18.44 -29.02 3.79
C ILE E 53 18.04 -28.39 5.12
N TYR E 54 18.30 -29.09 6.23
CA TYR E 54 17.93 -28.58 7.55
C TYR E 54 19.03 -28.87 8.56
N ARG E 55 19.07 -28.05 9.62
CA ARG E 55 20.17 -28.05 10.59
C ARG E 55 21.53 -27.96 9.87
N ASP E 56 21.57 -27.10 8.85
CA ASP E 56 22.75 -26.63 8.12
C ASP E 56 23.23 -27.57 7.00
N ASP E 57 23.17 -28.90 7.21
CA ASP E 57 23.49 -29.81 6.11
C ASP E 57 22.86 -31.20 6.24
N LYS E 58 21.76 -31.36 6.97
CA LYS E 58 21.07 -32.65 7.03
C LYS E 58 20.07 -32.75 5.86
N ARG E 59 19.82 -33.97 5.42
CA ARG E 59 18.93 -34.20 4.30
C ARG E 59 17.64 -34.84 4.74
N PRO E 60 16.50 -34.29 4.35
CA PRO E 60 15.25 -35.06 4.42
C PRO E 60 15.35 -36.26 3.48
N ASP E 61 14.67 -37.35 3.85
CA ASP E 61 14.54 -38.42 2.89
C ASP E 61 13.68 -37.92 1.72
N GLY E 62 13.99 -38.41 0.52
CA GLY E 62 13.40 -37.90 -0.70
C GLY E 62 14.21 -36.83 -1.42
N VAL E 63 15.29 -36.32 -0.82
CA VAL E 63 16.27 -35.54 -1.57
C VAL E 63 17.55 -36.37 -1.63
N PRO E 64 18.20 -36.46 -2.79
CA PRO E 64 19.41 -37.27 -2.90
C PRO E 64 20.61 -36.60 -2.24
N ASP E 65 21.69 -37.37 -2.12
CA ASP E 65 22.95 -36.85 -1.62
C ASP E 65 23.68 -35.97 -2.63
N ARG E 66 23.10 -35.79 -3.82
CA ARG E 66 23.60 -34.80 -4.76
C ARG E 66 23.56 -33.40 -4.17
N PHE E 67 22.48 -33.07 -3.46
CA PHE E 67 22.40 -31.81 -2.72
C PHE E 67 23.14 -31.93 -1.40
N SER E 68 23.89 -30.90 -1.04
CA SER E 68 24.56 -30.89 0.24
C SER E 68 24.55 -29.48 0.82
N GLY E 69 24.39 -29.40 2.14
CA GLY E 69 24.46 -28.15 2.85
C GLY E 69 25.89 -27.92 3.29
N SER E 70 26.25 -26.65 3.41
CA SER E 70 27.61 -26.32 3.82
C SER E 70 27.62 -24.91 4.39
N ILE E 71 28.62 -24.66 5.22
CA ILE E 71 28.77 -23.40 5.95
C ILE E 71 30.21 -22.96 5.74
N ASP E 72 30.40 -21.90 4.94
CA ASP E 72 31.72 -21.33 4.71
C ASP E 72 31.82 -20.00 5.44
N ARG E 73 32.69 -19.93 6.42
CA ARG E 73 32.82 -18.72 7.22
C ARG E 73 33.90 -17.78 6.71
N SER E 74 34.72 -18.23 5.77
CA SER E 74 35.60 -17.32 5.06
C SER E 74 34.83 -16.12 4.52
N SER E 75 33.74 -16.39 3.80
CA SER E 75 32.92 -15.35 3.19
C SER E 75 31.66 -15.06 4.00
N ASN E 76 31.51 -15.69 5.16
CA ASN E 76 30.31 -15.59 5.99
C ASN E 76 29.06 -15.90 5.17
N SER E 77 29.09 -17.00 4.43
CA SER E 77 28.00 -17.31 3.53
C SER E 77 27.82 -18.83 3.46
N ALA E 78 26.58 -19.27 3.67
CA ALA E 78 26.26 -20.67 3.50
C ALA E 78 26.24 -21.02 2.02
N LEU E 79 26.40 -22.32 1.74
CA LEU E 79 26.51 -22.80 0.37
C LEU E 79 25.53 -23.94 0.17
N LEU E 80 24.74 -23.85 -0.90
CA LEU E 80 23.93 -24.96 -1.41
C LEU E 80 24.72 -25.62 -2.54
N THR E 81 25.21 -26.83 -2.30
CA THR E 81 26.03 -27.56 -3.26
C THR E 81 25.22 -28.71 -3.85
N ILE E 82 25.07 -28.71 -5.16
CA ILE E 82 24.38 -29.78 -5.88
C ILE E 82 25.33 -30.33 -6.94
N ASN E 83 25.53 -31.64 -6.93
CA ASN E 83 26.34 -32.34 -7.93
C ASN E 83 25.46 -32.86 -9.05
N ASN E 84 25.96 -32.77 -10.28
CA ASN E 84 25.34 -33.42 -11.44
C ASN E 84 23.95 -32.82 -11.72
N VAL E 85 23.99 -31.56 -12.17
CA VAL E 85 22.76 -30.78 -12.33
C VAL E 85 22.02 -31.25 -13.57
N GLN E 86 20.71 -31.26 -13.49
CA GLN E 86 19.86 -31.77 -14.56
C GLN E 86 18.73 -30.79 -14.76
N THR E 87 18.06 -30.91 -15.92
CA THR E 87 16.98 -29.97 -16.22
C THR E 87 15.95 -29.93 -15.10
N GLU E 88 15.73 -31.06 -14.41
CA GLU E 88 14.78 -31.10 -13.31
C GLU E 88 15.20 -30.21 -12.15
N ASP E 89 16.40 -29.61 -12.19
CA ASP E 89 16.89 -28.75 -11.13
C ASP E 89 16.69 -27.25 -11.41
N GLU E 90 16.31 -26.87 -12.63
CA GLU E 90 15.89 -25.50 -12.90
C GLU E 90 14.72 -25.14 -12.00
N ALA E 91 14.98 -24.41 -10.93
CA ALA E 91 13.92 -23.98 -10.03
C ALA E 91 14.35 -22.69 -9.36
N ASP E 92 13.74 -22.39 -8.21
CA ASP E 92 14.10 -21.26 -7.37
C ASP E 92 14.51 -21.81 -6.00
N TYR E 93 15.64 -21.31 -5.48
CA TYR E 93 16.16 -21.74 -4.19
C TYR E 93 16.36 -20.54 -3.28
N PHE E 94 15.70 -20.57 -2.11
CA PHE E 94 15.90 -19.59 -1.05
C PHE E 94 16.65 -20.25 0.10
N CYS E 95 17.60 -19.52 0.69
CA CYS E 95 18.19 -19.97 1.94
C CYS E 95 17.41 -19.33 3.10
N HIS E 96 17.73 -19.74 4.32
CA HIS E 96 16.85 -19.39 5.44
C HIS E 96 17.56 -19.57 6.77
N SER E 97 17.41 -18.60 7.67
CA SER E 97 18.01 -18.67 9.00
C SER E 97 17.19 -17.80 9.95
N TYR E 98 17.74 -17.50 11.13
CA TYR E 98 17.00 -16.79 12.16
C TYR E 98 17.94 -16.26 13.24
N SER E 99 17.42 -15.29 14.01
CA SER E 99 18.01 -14.81 15.25
C SER E 99 16.89 -14.51 16.24
N SER E 100 16.53 -13.23 16.35
CA SER E 100 15.34 -12.88 17.09
C SER E 100 14.08 -13.04 16.23
N GLY E 101 14.20 -12.77 14.94
CA GLY E 101 13.15 -13.00 13.96
C GLY E 101 13.64 -13.95 12.88
N ILE E 102 12.84 -14.15 11.82
CA ILE E 102 13.11 -15.17 10.81
C ILE E 102 13.40 -14.50 9.47
N VAL E 103 14.49 -14.90 8.83
CA VAL E 103 14.96 -14.28 7.59
C VAL E 103 14.99 -15.32 6.46
N PHE E 104 14.64 -14.87 5.25
CA PHE E 104 14.84 -15.60 4.01
C PHE E 104 15.76 -14.80 3.09
N GLY E 105 16.60 -15.51 2.34
CA GLY E 105 17.32 -14.90 1.24
C GLY E 105 16.38 -14.57 0.09
N GLY E 106 16.94 -13.93 -0.94
CA GLY E 106 16.14 -13.42 -2.04
C GLY E 106 15.80 -14.43 -3.13
N GLY E 107 16.54 -15.53 -3.22
CA GLY E 107 16.27 -16.55 -4.20
C GLY E 107 16.96 -16.38 -5.55
N THR E 108 17.61 -17.44 -6.03
CA THR E 108 18.19 -17.51 -7.37
C THR E 108 17.35 -18.42 -8.26
N LYS E 109 17.27 -18.05 -9.54
CA LYS E 109 16.68 -18.90 -10.57
C LYS E 109 17.79 -19.54 -11.38
N LEU E 110 17.81 -20.87 -11.40
CA LEU E 110 18.72 -21.64 -12.24
C LEU E 110 18.24 -21.70 -13.67
N THR E 111 19.17 -21.58 -14.62
CA THR E 111 18.90 -21.89 -16.02
C THR E 111 19.95 -22.89 -16.49
N VAL E 112 19.55 -24.15 -16.63
CA VAL E 112 20.41 -25.15 -17.27
C VAL E 112 20.28 -24.97 -18.77
N LEU E 113 21.39 -24.59 -19.42
CA LEU E 113 21.32 -23.97 -20.74
C LEU E 113 21.05 -24.97 -21.86
N GLY E 114 21.73 -26.11 -21.86
CA GLY E 114 21.44 -27.06 -22.91
C GLY E 114 20.17 -27.86 -22.74
N GLY E 115 19.34 -27.50 -21.76
CA GLY E 115 18.23 -28.33 -21.33
C GLY E 115 16.90 -28.06 -21.98
N SER E 116 16.47 -28.97 -22.85
CA SER E 116 15.14 -28.93 -23.43
C SER E 116 14.19 -29.71 -22.53
N ASP E 117 13.03 -29.12 -22.25
CA ASP E 117 12.04 -29.81 -21.43
C ASP E 117 11.69 -31.16 -22.03
N TYR E 118 11.67 -31.26 -23.36
CA TYR E 118 11.37 -32.53 -24.00
C TYR E 118 12.34 -33.61 -23.56
N GLU E 119 13.65 -33.29 -23.52
CA GLU E 119 14.66 -34.33 -23.38
C GLU E 119 14.82 -34.85 -21.95
N PHE E 120 14.32 -34.13 -20.93
CA PHE E 120 14.30 -34.74 -19.60
C PHE E 120 12.97 -35.43 -19.33
N LEU E 121 11.88 -34.95 -19.91
CA LEU E 121 10.58 -35.59 -19.75
C LEU E 121 10.53 -36.97 -20.41
N LYS E 122 11.27 -37.15 -21.51
CA LYS E 122 11.24 -38.43 -22.21
C LYS E 122 11.75 -39.56 -21.31
N SER E 123 12.61 -39.26 -20.34
CA SER E 123 13.13 -40.28 -19.43
C SER E 123 12.16 -40.62 -18.30
N TRP E 124 10.99 -39.97 -18.25
CA TRP E 124 10.04 -40.16 -17.17
C TRP E 124 9.10 -41.32 -17.49
N THR E 125 8.44 -41.84 -16.46
CA THR E 125 7.40 -42.84 -16.68
C THR E 125 6.12 -42.17 -17.16
N VAL E 126 5.31 -42.93 -17.91
CA VAL E 126 4.04 -42.38 -18.38
C VAL E 126 3.20 -41.91 -17.20
N GLU E 127 3.21 -42.65 -16.09
CA GLU E 127 2.39 -42.28 -14.94
C GLU E 127 2.82 -40.92 -14.38
N ASP E 128 4.12 -40.72 -14.20
CA ASP E 128 4.61 -39.41 -13.75
C ASP E 128 4.33 -38.33 -14.80
N LEU E 129 4.55 -38.64 -16.08
CA LEU E 129 4.20 -37.70 -17.14
C LEU E 129 2.74 -37.28 -17.04
N GLN E 130 1.83 -38.26 -16.95
CA GLN E 130 0.41 -37.95 -16.82
C GLN E 130 0.14 -37.13 -15.56
N LYS E 131 0.82 -37.47 -14.46
CA LYS E 131 0.63 -36.73 -13.20
C LYS E 131 1.03 -35.27 -13.36
N ARG E 132 2.17 -35.02 -14.00
CA ARG E 132 2.58 -33.63 -14.29
C ARG E 132 1.55 -32.93 -15.17
N LEU E 133 1.05 -33.63 -16.20
CA LEU E 133 0.07 -33.04 -17.11
C LEU E 133 -1.22 -32.68 -16.38
N LEU E 134 -1.69 -33.55 -15.50
CA LEU E 134 -2.90 -33.26 -14.74
C LEU E 134 -2.67 -32.13 -13.74
N ALA E 135 -1.49 -32.09 -13.13
CA ALA E 135 -1.22 -31.05 -12.15
C ALA E 135 -1.20 -29.64 -12.77
N LEU E 136 -1.15 -29.53 -14.10
CA LEU E 136 -1.11 -28.20 -14.71
C LEU E 136 -2.46 -27.49 -14.59
N ASP E 137 -3.55 -28.20 -14.79
CA ASP E 137 -4.86 -27.54 -14.76
C ASP E 137 -5.17 -26.89 -13.41
N PRO E 138 -4.92 -27.52 -12.25
CA PRO E 138 -5.11 -26.78 -10.99
C PRO E 138 -4.24 -25.53 -10.87
N MET E 139 -2.99 -25.59 -11.33
CA MET E 139 -2.13 -24.40 -11.30
C MET E 139 -2.69 -23.28 -12.16
N MET E 140 -3.21 -23.63 -13.34
CA MET E 140 -3.73 -22.61 -14.24
C MET E 140 -4.96 -21.92 -13.65
N GLU E 141 -5.87 -22.70 -13.05
CA GLU E 141 -7.08 -22.10 -12.51
C GLU E 141 -6.79 -21.23 -11.30
N GLN E 142 -5.72 -21.52 -10.56
CA GLN E 142 -5.31 -20.65 -9.47
C GLN E 142 -4.88 -19.28 -10.00
N GLU E 143 -4.00 -19.26 -11.01
CA GLU E 143 -3.59 -17.98 -11.60
C GLU E 143 -4.79 -17.22 -12.12
N ILE E 144 -5.77 -17.92 -12.70
CA ILE E 144 -6.95 -17.23 -13.21
C ILE E 144 -7.79 -16.66 -12.06
N GLU E 145 -7.96 -17.44 -10.98
CA GLU E 145 -8.71 -16.93 -9.83
C GLU E 145 -8.07 -15.66 -9.26
N GLU E 146 -6.74 -15.63 -9.13
CA GLU E 146 -6.07 -14.41 -8.69
C GLU E 146 -6.39 -13.24 -9.61
N ILE E 147 -6.49 -13.50 -10.91
CA ILE E 147 -6.78 -12.44 -11.86
C ILE E 147 -8.18 -11.88 -11.63
N ARG E 148 -9.16 -12.78 -11.48
CA ARG E 148 -10.52 -12.35 -11.15
C ARG E 148 -10.56 -11.56 -9.83
N GLN E 149 -9.75 -11.94 -8.84
CA GLN E 149 -9.74 -11.18 -7.61
C GLN E 149 -9.22 -9.78 -7.85
N LYS E 150 -8.16 -9.65 -8.66
CA LYS E 150 -7.58 -8.35 -9.00
C LYS E 150 -8.60 -7.45 -9.65
N TYR E 151 -9.37 -7.98 -10.60
CA TYR E 151 -10.30 -7.14 -11.33
C TYR E 151 -11.60 -6.91 -10.57
N GLN E 152 -11.92 -7.75 -9.61
CA GLN E 152 -13.04 -7.42 -8.73
C GLN E 152 -12.70 -6.20 -7.87
N CYS E 153 -11.44 -6.05 -7.47
CA CYS E 153 -11.00 -4.83 -6.79
C CYS E 153 -11.25 -3.59 -7.63
N LYS E 154 -11.04 -3.68 -8.95
CA LYS E 154 -11.26 -2.52 -9.81
C LYS E 154 -12.75 -2.28 -10.09
N ARG E 155 -13.57 -3.34 -10.09
CA ARG E 155 -14.99 -3.20 -10.40
C ARG E 155 -15.81 -2.64 -9.24
N GLN E 156 -15.48 -3.03 -8.01
CA GLN E 156 -16.39 -2.73 -6.91
C GLN E 156 -16.64 -1.24 -6.71
N PRO E 157 -15.65 -0.33 -6.81
CA PRO E 157 -16.00 1.09 -6.67
C PRO E 157 -16.93 1.58 -7.77
N ILE E 158 -16.87 1.00 -8.98
CA ILE E 158 -17.85 1.35 -10.02
C ILE E 158 -19.24 0.87 -9.62
N LEU E 159 -19.34 -0.40 -9.22
CA LEU E 159 -20.63 -0.92 -8.77
C LEU E 159 -21.21 -0.10 -7.63
N ASP E 160 -20.37 0.23 -6.64
CA ASP E 160 -20.83 1.04 -5.50
C ASP E 160 -21.36 2.38 -5.96
N ALA E 161 -20.65 3.02 -6.91
CA ALA E 161 -21.08 4.35 -7.34
C ALA E 161 -22.36 4.27 -8.16
N ILE E 162 -22.54 3.20 -8.94
CA ILE E 162 -23.83 3.00 -9.59
C ILE E 162 -24.94 2.79 -8.56
N GLU E 163 -24.66 2.01 -7.51
CA GLU E 163 -25.67 1.78 -6.46
C GLU E 163 -26.15 3.09 -5.84
N ALA E 164 -25.29 4.10 -5.78
CA ALA E 164 -25.69 5.38 -5.23
C ALA E 164 -26.44 6.21 -6.28
N ALA F 5 17.52 -22.86 18.07
CA ALA F 5 16.11 -22.84 18.43
C ALA F 5 15.38 -21.63 17.83
N MET F 6 14.63 -21.87 16.75
CA MET F 6 13.97 -20.77 16.04
C MET F 6 12.73 -20.28 16.79
N PRO F 7 12.51 -18.97 16.84
CA PRO F 7 11.32 -18.44 17.52
C PRO F 7 10.04 -19.04 16.97
N GLY F 8 9.07 -19.26 17.86
CA GLY F 8 7.83 -19.92 17.52
C GLY F 8 7.93 -21.43 17.48
N ALA F 9 9.08 -22.00 17.82
CA ALA F 9 9.28 -23.43 17.71
C ALA F 9 10.02 -24.02 18.91
N GLU F 10 10.13 -23.26 20.01
CA GLU F 10 10.88 -23.74 21.18
C GLU F 10 10.10 -24.78 21.99
N ASP F 11 8.77 -24.73 21.96
CA ASP F 11 7.91 -25.61 22.75
C ASP F 11 7.66 -26.96 22.08
N ASP F 12 8.24 -27.20 20.91
CA ASP F 12 7.96 -28.39 20.14
C ASP F 12 8.46 -29.66 20.84
N VAL F 13 7.95 -30.81 20.39
CA VAL F 13 8.35 -32.11 20.92
C VAL F 13 9.52 -32.66 20.11
CA CA G . -20.42 12.51 -18.30
CA CA H . 0.02 -14.15 -26.50
#